data_9OGE
#
_entry.id   9OGE
#
_cell.length_a   1.00
_cell.length_b   1.00
_cell.length_c   1.00
_cell.angle_alpha   90.00
_cell.angle_beta   90.00
_cell.angle_gamma   90.00
#
_symmetry.space_group_name_H-M   'P 1'
#
loop_
_entity.id
_entity.type
_entity.pdbx_description
1 polymer Exportin-1
2 polymer 'Ankyrin repeat and SOCS box protein 8'
3 polymer Elongin-C
4 polymer Elongin-B
5 non-polymer 'propan-2-yl 3-[3-(3-chlorophenyl)-1H-1,2,4-triazol-1-yl]propanoate'
#
loop_
_entity_poly.entity_id
_entity_poly.type
_entity_poly.pdbx_seq_one_letter_code
_entity_poly.pdbx_strand_id
1 'polypeptide(L)'
;GSMPAIMTMLADHAARQLLDFSQKLDINLLDNVVNCLYHGEGAQQRMAQEVLTHLKEHPDAWTRVDTILEFSQNMNTKYY
GLQILENVIKTRWKILPRNQCEGIKKYVVGLIIKTSSDPTCVEKEKVYIGKLNMILVQILKQEWPKHWPTFISDIVGASR
TSESLCQNNMVILKLLSEEVFDFSSGQITQVKSKHLKDSMCNEFSQIFQLCQFVMENSQNAPLVHATLETLLRFLNWIPL
GYIFETKLISTLIYKFLNVPMFRNVSLKCLTEIAGVSVSQYEEQFVTLFTLTMMQLKQMLPLNTNIRLAYSNGKDDEQNF
IQNLSLFLCTFLKEHDQLIEKRLNLRETLMEALHYMLLVSEVEETEIFKICLEYWNHLAAELYRESPFSTSASPLLSGSQ
HFDVPPRRQLYLPMLFKVRLLMVSRMAKPEEVLVVENDQGEVVREFMKDTDSINLYKNMRETLVYLTHLDYVDTERIMTE
KLHNQVNGTEWSWKNLNTLCWAIGSISGAMHEEDEKRFLVTVIKDLLGLCEQKRGKDNKAIIASNIMYIVGQYPRFLRAH
WKFLKTVVNKLFEFMHETHDGVQDMACDTFIKIAQKCRRHFVQVQVGEVMPFIDEILNNINTIICDLQPQQVHTFYEAVG
YMIGAQTDQTVQEHLIEKYMLLPNQVWDSIIQQATKNVDILKDPETVKQLGSILKTNVRACKAVGHPFVIQLGRIYLDML
NVYKCLSENISAAIQANGEMVTKQPLIRSMRTVKRETLKLISGWVSRSNDPQMVAENFVPPLLDAVLIDYQRNVPAAREP
EVLSTMAIIVNKLGGHITAEIPQIFDAVFECTLNMINKDFEEYPEHRTNFFLLLQAVNSHCFPAFLAIPPTQFKLVLDSI
IWAFKHTMRNVADTGLQILFTLLQNVAQEEAAAQSFYQTYFCDILQHIFSVVTDTSHTAGLTMHASILAYMFNLVEEGKI
STSLNPGNPVNNQIFLQEYVANLLKSAFPHLQDAQVKLFVTGLFSLNQDIPAFKEHLRDFLVQIKEFAGEDTSDLFLEER
EIALRQADEEKHKRQMSVPGIFNPHEIPEEMCD
;
A
2 'polypeptide(L)'
;GSSLSERLIRTIAAIRSFPHDNVEDLIRGGADVNCTHGTLKPLHCACMVSDADCVELLLEKGAEVNALDGYNRTALHYAA
EKDEACVEVLLEYGANPNALDGNRDTPLHWAAFKNNAECVRALLESGASVNALDYNNDTPLSWAAMKGNLESVSILLDYG
AEVRVINLIGQTPISRLVALLVRGLGTEKEDSCFELLHRAVGHFELRKNGTMPREVARDPQLCEKLTVLCSAPGTLKTLA
RYAVRRSLGLQYLPDAVKGLPLPASLKEYLLLLE
;
B
3 'polypeptide(L)'
;MMYVKLISSDGHEFIVKREHALTSGTIKAMLSGPGQFAENETNEVNFREIPSHVLSKVCMYFTYKVRYTNSSTEIPEFPI
APEIALELLMAANFLDC
;
E
4 'polypeptide(L)'
;MDVFLMIRRHKTTIFTDAKESSTVFELKRIVEGILKRPPDEQRLYKDDQLLDDGKTLGECGFTSQTARPQAPATVGLAFR
ADDTFEALCIEPFSSPPELPDVMKPQDSGSSANEQAVQ
;
F
#
# COMPACT_ATOMS: atom_id res chain seq x y z
N TYR A 281 -48.09 -8.41 -23.79
CA TYR A 281 -48.86 -8.50 -22.55
C TYR A 281 -48.25 -7.60 -21.47
N GLU A 282 -47.66 -6.48 -21.90
CA GLU A 282 -47.15 -5.49 -20.97
C GLU A 282 -48.17 -5.14 -19.91
N GLU A 283 -49.42 -4.89 -20.32
CA GLU A 283 -50.44 -4.44 -19.38
C GLU A 283 -50.76 -5.49 -18.34
N GLN A 284 -50.69 -6.77 -18.70
CA GLN A 284 -50.85 -7.83 -17.71
C GLN A 284 -49.76 -7.74 -16.65
N PHE A 285 -48.50 -7.64 -17.06
CA PHE A 285 -47.43 -7.53 -16.09
C PHE A 285 -47.61 -6.28 -15.24
N VAL A 286 -48.08 -5.20 -15.85
CA VAL A 286 -48.31 -3.95 -15.12
C VAL A 286 -49.43 -4.14 -14.10
N THR A 287 -50.55 -4.72 -14.54
CA THR A 287 -51.68 -4.91 -13.65
C THR A 287 -51.38 -5.94 -12.57
N LEU A 288 -50.73 -7.05 -12.93
CA LEU A 288 -50.27 -7.99 -11.92
C LEU A 288 -49.53 -7.28 -10.80
N PHE A 289 -48.49 -6.51 -11.14
CA PHE A 289 -47.78 -5.76 -10.11
C PHE A 289 -48.67 -4.77 -9.39
N THR A 290 -49.40 -3.94 -10.13
CA THR A 290 -50.13 -2.87 -9.47
C THR A 290 -51.10 -3.46 -8.46
N LEU A 291 -51.88 -4.47 -8.88
CA LEU A 291 -52.86 -5.02 -7.96
C LEU A 291 -52.18 -5.81 -6.83
N THR A 292 -51.15 -6.59 -7.16
CA THR A 292 -50.42 -7.29 -6.10
C THR A 292 -49.70 -6.32 -5.19
N MET A 293 -49.08 -5.28 -5.77
CA MET A 293 -48.48 -4.23 -4.96
C MET A 293 -49.52 -3.61 -4.05
N MET A 294 -50.71 -3.34 -4.59
CA MET A 294 -51.80 -2.85 -3.76
C MET A 294 -52.03 -3.81 -2.60
N GLN A 295 -52.15 -5.10 -2.89
CA GLN A 295 -52.47 -6.08 -1.87
C GLN A 295 -51.34 -6.15 -0.85
N LEU A 296 -50.09 -6.04 -1.33
CA LEU A 296 -48.93 -6.05 -0.46
C LEU A 296 -48.93 -4.87 0.50
N LYS A 297 -49.47 -3.72 0.07
CA LYS A 297 -49.57 -2.57 0.96
C LYS A 297 -50.43 -2.87 2.18
N GLN A 298 -51.58 -3.53 1.99
CA GLN A 298 -52.35 -3.94 3.16
C GLN A 298 -51.60 -4.96 3.99
N MET A 299 -50.78 -5.80 3.35
CA MET A 299 -49.96 -6.74 4.11
C MET A 299 -48.91 -6.03 4.94
N LEU A 300 -47.96 -5.38 4.30
CA LEU A 300 -46.88 -4.69 5.01
C LEU A 300 -46.94 -3.19 4.73
N PRO A 301 -47.25 -2.34 5.71
CA PRO A 301 -47.17 -0.90 5.47
C PRO A 301 -45.73 -0.44 5.35
N LEU A 302 -45.53 0.62 4.56
CA LEU A 302 -44.18 1.07 4.24
C LEU A 302 -43.42 1.50 5.47
N ASN A 303 -44.11 1.89 6.54
CA ASN A 303 -43.45 2.28 7.78
C ASN A 303 -42.94 1.10 8.59
N THR A 304 -43.32 -0.13 8.24
CA THR A 304 -42.96 -1.29 9.04
C THR A 304 -41.47 -1.58 8.93
N ASN A 305 -40.87 -1.96 10.06
CA ASN A 305 -39.46 -2.36 10.10
C ASN A 305 -39.38 -3.79 9.59
N ILE A 306 -38.92 -3.96 8.35
CA ILE A 306 -38.89 -5.29 7.74
C ILE A 306 -37.87 -6.18 8.42
N ARG A 307 -36.71 -5.63 8.80
CA ARG A 307 -35.73 -6.41 9.53
C ARG A 307 -36.28 -6.87 10.88
N LEU A 308 -36.98 -5.98 11.59
CA LEU A 308 -37.61 -6.37 12.85
C LEU A 308 -38.67 -7.45 12.63
N ALA A 309 -39.53 -7.26 11.63
CA ALA A 309 -40.54 -8.28 11.32
C ALA A 309 -39.89 -9.63 11.03
N TYR A 310 -38.77 -9.62 10.30
CA TYR A 310 -38.04 -10.85 10.04
C TYR A 310 -37.50 -11.45 11.33
N SER A 311 -36.99 -10.60 12.23
CA SER A 311 -36.39 -11.11 13.46
C SER A 311 -37.43 -11.71 14.39
N ASN A 312 -38.63 -11.14 14.43
CA ASN A 312 -39.67 -11.60 15.35
C ASN A 312 -40.73 -12.50 14.73
N GLY A 313 -40.88 -12.48 13.40
CA GLY A 313 -41.94 -13.25 12.78
C GLY A 313 -41.69 -14.75 12.81
N LYS A 314 -42.78 -15.50 12.72
CA LYS A 314 -42.68 -16.94 12.55
C LYS A 314 -42.09 -17.27 11.18
N ASP A 315 -41.70 -18.53 11.01
CA ASP A 315 -41.01 -18.95 9.79
C ASP A 315 -41.78 -18.55 8.53
N ASP A 316 -43.11 -18.57 8.61
CA ASP A 316 -43.91 -18.13 7.47
C ASP A 316 -43.59 -16.69 7.11
N GLU A 317 -43.27 -15.86 8.10
CA GLU A 317 -42.94 -14.46 7.81
C GLU A 317 -41.59 -14.33 7.11
N GLN A 318 -40.58 -15.07 7.56
CA GLN A 318 -39.30 -15.05 6.84
C GLN A 318 -39.47 -15.54 5.42
N ASN A 319 -40.20 -16.63 5.22
CA ASN A 319 -40.47 -17.10 3.86
C ASN A 319 -41.19 -16.04 3.04
N PHE A 320 -42.18 -15.37 3.63
CA PHE A 320 -42.92 -14.35 2.90
C PHE A 320 -42.01 -13.21 2.48
N ILE A 321 -41.17 -12.72 3.40
CA ILE A 321 -40.22 -11.66 3.07
C ILE A 321 -39.28 -12.09 1.96
N GLN A 322 -38.75 -13.32 2.05
CA GLN A 322 -37.85 -13.82 1.02
C GLN A 322 -38.54 -13.90 -0.33
N ASN A 323 -39.78 -14.36 -0.35
CA ASN A 323 -40.50 -14.45 -1.61
C ASN A 323 -40.80 -13.07 -2.18
N LEU A 324 -41.07 -12.09 -1.32
CA LEU A 324 -41.20 -10.72 -1.79
C LEU A 324 -39.92 -10.24 -2.46
N SER A 325 -38.78 -10.44 -1.79
CA SER A 325 -37.51 -10.05 -2.37
C SER A 325 -37.29 -10.70 -3.74
N LEU A 326 -37.57 -12.00 -3.83
CA LEU A 326 -37.42 -12.70 -5.12
C LEU A 326 -38.35 -12.11 -6.18
N PHE A 327 -39.61 -11.88 -5.83
CA PHE A 327 -40.56 -11.33 -6.78
C PHE A 327 -40.10 -9.98 -7.30
N LEU A 328 -39.78 -9.06 -6.40
CA LEU A 328 -39.37 -7.72 -6.81
C LEU A 328 -38.11 -7.78 -7.65
N CYS A 329 -37.10 -8.53 -7.19
CA CYS A 329 -35.85 -8.59 -7.93
C CYS A 329 -36.07 -9.09 -9.35
N THR A 330 -36.72 -10.25 -9.50
CA THR A 330 -36.90 -10.82 -10.84
C THR A 330 -37.77 -9.95 -11.72
N PHE A 331 -38.87 -9.42 -11.17
CA PHE A 331 -39.74 -8.59 -11.97
C PHE A 331 -38.95 -7.42 -12.52
N LEU A 332 -38.30 -6.65 -11.64
CA LEU A 332 -37.63 -5.45 -12.10
C LEU A 332 -36.50 -5.80 -13.06
N LYS A 333 -35.74 -6.86 -12.77
CA LYS A 333 -34.72 -7.32 -13.70
C LYS A 333 -35.28 -7.46 -15.11
N GLU A 334 -36.54 -7.88 -15.24
CA GLU A 334 -37.08 -8.07 -16.58
C GLU A 334 -37.86 -6.86 -17.12
N HIS A 335 -38.50 -6.08 -16.26
CA HIS A 335 -39.57 -5.17 -16.69
C HIS A 335 -39.48 -3.78 -16.05
N ASP A 336 -38.40 -3.48 -15.32
CA ASP A 336 -38.20 -2.11 -14.90
C ASP A 336 -38.44 -1.16 -16.06
N GLN A 337 -37.91 -1.48 -17.24
CA GLN A 337 -38.22 -0.70 -18.43
C GLN A 337 -39.71 -0.47 -18.57
N LEU A 338 -40.51 -1.51 -18.33
CA LEU A 338 -41.95 -1.43 -18.57
C LEU A 338 -42.60 -0.44 -17.62
N ILE A 339 -42.19 -0.48 -16.36
CA ILE A 339 -42.80 0.43 -15.38
C ILE A 339 -42.21 1.83 -15.50
N GLU A 340 -40.97 1.95 -15.93
CA GLU A 340 -40.38 3.24 -16.30
C GLU A 340 -41.17 3.91 -17.41
N LYS A 341 -41.64 3.13 -18.39
CA LYS A 341 -42.41 3.70 -19.48
C LYS A 341 -43.77 4.20 -19.01
N ARG A 342 -44.49 3.40 -18.22
CA ARG A 342 -45.84 3.78 -17.80
C ARG A 342 -45.71 4.81 -16.69
N LEU A 343 -45.54 6.07 -17.11
CA LEU A 343 -45.26 7.16 -16.18
C LEU A 343 -46.35 7.31 -15.13
N ASN A 344 -47.59 6.96 -15.45
CA ASN A 344 -48.66 6.99 -14.46
C ASN A 344 -48.37 6.07 -13.27
N LEU A 345 -47.51 5.07 -13.44
CA LEU A 345 -47.10 4.19 -12.37
C LEU A 345 -45.93 4.72 -11.57
N ARG A 346 -45.35 5.85 -11.98
CA ARG A 346 -44.07 6.32 -11.46
C ARG A 346 -43.97 6.17 -9.95
N GLU A 347 -44.91 6.79 -9.22
CA GLU A 347 -44.79 6.80 -7.77
C GLU A 347 -45.03 5.43 -7.17
N THR A 348 -45.93 4.63 -7.76
CA THR A 348 -46.09 3.28 -7.24
C THR A 348 -44.81 2.49 -7.43
N LEU A 349 -44.10 2.74 -8.53
CA LEU A 349 -42.83 2.07 -8.72
C LEU A 349 -41.86 2.58 -7.68
N MET A 350 -41.85 3.90 -7.48
CA MET A 350 -41.02 4.47 -6.45
C MET A 350 -41.34 3.83 -5.10
N GLU A 351 -42.63 3.62 -4.83
CA GLU A 351 -43.00 3.00 -3.56
C GLU A 351 -42.43 1.59 -3.47
N ALA A 352 -42.50 0.83 -4.55
CA ALA A 352 -41.91 -0.50 -4.54
C ALA A 352 -40.42 -0.41 -4.24
N LEU A 353 -39.74 0.58 -4.82
CA LEU A 353 -38.32 0.73 -4.54
C LEU A 353 -38.06 1.08 -3.09
N HIS A 354 -38.97 1.78 -2.43
CA HIS A 354 -38.78 1.99 -1.00
C HIS A 354 -38.79 0.66 -0.27
N TYR A 355 -39.76 -0.20 -0.55
CA TYR A 355 -39.70 -1.55 0.00
C TYR A 355 -38.40 -2.23 -0.33
N MET A 356 -37.87 -1.99 -1.53
CA MET A 356 -36.61 -2.63 -1.91
C MET A 356 -35.51 -2.24 -0.94
N LEU A 357 -35.45 -0.96 -0.56
CA LEU A 357 -34.51 -0.56 0.48
C LEU A 357 -34.81 -1.26 1.81
N LEU A 358 -36.08 -1.30 2.22
CA LEU A 358 -36.39 -1.91 3.51
C LEU A 358 -36.07 -3.39 3.54
N VAL A 359 -36.38 -4.11 2.47
CA VAL A 359 -35.97 -5.52 2.43
C VAL A 359 -34.46 -5.63 2.38
N SER A 360 -33.78 -4.65 1.80
CA SER A 360 -32.32 -4.66 1.83
C SER A 360 -31.77 -4.51 3.24
N GLU A 361 -32.57 -4.00 4.18
CA GLU A 361 -32.14 -3.97 5.57
C GLU A 361 -31.93 -5.38 6.11
N VAL A 362 -32.59 -6.37 5.53
CA VAL A 362 -32.44 -7.75 6.01
C VAL A 362 -30.98 -8.18 5.89
N GLU A 363 -30.50 -8.84 6.93
CA GLU A 363 -29.11 -9.30 6.97
C GLU A 363 -28.95 -10.74 6.51
N GLU A 364 -30.03 -11.52 6.49
CA GLU A 364 -29.97 -12.92 6.13
C GLU A 364 -29.34 -13.11 4.76
N THR A 365 -28.17 -13.75 4.73
CA THR A 365 -27.34 -13.91 3.55
C THR A 365 -28.13 -14.03 2.25
N GLU A 366 -29.16 -14.88 2.20
CA GLU A 366 -29.83 -15.13 0.93
C GLU A 366 -30.69 -13.94 0.49
N ILE A 367 -31.48 -13.39 1.40
CA ILE A 367 -32.29 -12.23 1.04
C ILE A 367 -31.41 -11.05 0.70
N PHE A 368 -30.34 -10.84 1.48
CA PHE A 368 -29.41 -9.76 1.17
C PHE A 368 -28.76 -9.96 -0.18
N LYS A 369 -28.33 -11.20 -0.48
CA LYS A 369 -27.75 -11.49 -1.78
C LYS A 369 -28.72 -11.18 -2.92
N ILE A 370 -29.99 -11.53 -2.74
CA ILE A 370 -30.99 -11.21 -3.76
C ILE A 370 -31.09 -9.71 -3.97
N CYS A 371 -31.17 -8.96 -2.87
CA CYS A 371 -31.22 -7.50 -2.98
C CYS A 371 -29.98 -6.97 -3.66
N LEU A 372 -28.80 -7.47 -3.27
CA LEU A 372 -27.56 -7.05 -3.89
C LEU A 372 -27.55 -7.31 -5.38
N GLU A 373 -28.08 -8.47 -5.80
CA GLU A 373 -28.20 -8.74 -7.23
C GLU A 373 -29.07 -7.70 -7.90
N TYR A 374 -30.18 -7.32 -7.27
CA TYR A 374 -31.01 -6.28 -7.87
C TYR A 374 -30.26 -4.95 -7.97
N TRP A 375 -29.58 -4.56 -6.90
CA TRP A 375 -28.83 -3.31 -6.93
C TRP A 375 -27.72 -3.34 -7.96
N ASN A 376 -27.06 -4.48 -8.11
CA ASN A 376 -26.04 -4.62 -9.14
C ASN A 376 -26.64 -4.46 -10.54
N HIS A 377 -27.77 -5.12 -10.79
CA HIS A 377 -28.47 -4.94 -12.05
C HIS A 377 -28.77 -3.46 -12.29
N LEU A 378 -29.34 -2.79 -11.29
CA LEU A 378 -29.73 -1.39 -11.47
C LEU A 378 -28.51 -0.50 -11.73
N ALA A 379 -27.45 -0.69 -10.95
CA ALA A 379 -26.25 0.12 -11.13
C ALA A 379 -25.65 -0.09 -12.51
N ALA A 380 -25.63 -1.34 -12.98
CA ALA A 380 -25.18 -1.59 -14.34
C ALA A 380 -26.08 -0.92 -15.36
N GLU A 381 -27.39 -1.00 -15.16
CA GLU A 381 -28.33 -0.32 -16.06
C GLU A 381 -28.02 1.17 -16.18
N LEU A 382 -27.85 1.83 -15.04
CA LEU A 382 -27.65 3.28 -15.06
C LEU A 382 -26.24 3.67 -15.48
N TYR A 383 -25.25 2.83 -15.24
CA TYR A 383 -23.93 3.08 -15.80
C TYR A 383 -23.92 2.93 -17.32
N ARG A 384 -24.70 1.97 -17.83
CA ARG A 384 -24.88 1.86 -19.28
C ARG A 384 -25.57 3.10 -19.83
N GLU A 385 -26.65 3.54 -19.18
CA GLU A 385 -27.38 4.70 -19.68
C GLU A 385 -26.45 5.89 -19.91
N SER A 386 -25.42 6.03 -19.09
CA SER A 386 -24.41 7.07 -19.24
C SER A 386 -23.22 6.76 -18.34
N PRO A 387 -22.00 6.64 -18.89
CA PRO A 387 -20.88 6.24 -18.04
C PRO A 387 -20.23 7.42 -17.31
N VAL A 404 -28.10 15.18 -16.78
CA VAL A 404 -28.47 13.79 -16.51
C VAL A 404 -29.19 13.22 -17.72
N PRO A 405 -29.20 11.89 -17.85
CA PRO A 405 -29.97 11.25 -18.92
C PRO A 405 -31.46 11.27 -18.60
N PRO A 406 -32.31 10.95 -19.58
CA PRO A 406 -33.76 11.12 -19.37
C PRO A 406 -34.32 10.30 -18.22
N ARG A 407 -33.74 9.15 -17.89
CA ARG A 407 -34.30 8.29 -16.85
C ARG A 407 -33.56 8.38 -15.52
N ARG A 408 -32.23 8.50 -15.54
CA ARG A 408 -31.47 8.35 -14.30
C ARG A 408 -31.98 9.27 -13.20
N GLN A 409 -32.52 10.43 -13.57
CA GLN A 409 -33.17 11.33 -12.62
C GLN A 409 -34.26 10.66 -11.79
N LEU A 410 -34.80 9.52 -12.23
CA LEU A 410 -35.72 8.76 -11.38
C LEU A 410 -35.04 8.32 -10.09
N TYR A 411 -33.87 7.70 -10.20
CA TYR A 411 -33.24 7.04 -9.06
C TYR A 411 -32.33 7.97 -8.26
N LEU A 412 -31.64 8.87 -8.93
CA LEU A 412 -30.57 9.64 -8.29
C LEU A 412 -30.97 10.33 -6.99
N PRO A 413 -32.19 10.87 -6.83
CA PRO A 413 -32.51 11.59 -5.58
C PRO A 413 -32.42 10.73 -4.32
N MET A 414 -32.30 9.41 -4.42
CA MET A 414 -32.07 8.59 -3.23
C MET A 414 -31.11 7.43 -3.45
N LEU A 415 -30.48 7.31 -4.62
CA LEU A 415 -29.45 6.29 -4.77
C LEU A 415 -28.39 6.44 -3.69
N PHE A 416 -28.21 7.65 -3.16
CA PHE A 416 -27.27 7.82 -2.06
C PHE A 416 -27.65 6.94 -0.88
N LYS A 417 -28.94 6.59 -0.73
CA LYS A 417 -29.32 5.64 0.31
C LYS A 417 -28.77 4.26 0.00
N VAL A 418 -28.79 3.86 -1.27
CA VAL A 418 -28.14 2.63 -1.66
C VAL A 418 -26.66 2.71 -1.35
N ARG A 419 -26.07 3.88 -1.60
CA ARG A 419 -24.64 4.03 -1.35
C ARG A 419 -24.36 3.81 0.12
N LEU A 420 -24.99 4.61 0.97
CA LEU A 420 -24.79 4.51 2.41
C LEU A 420 -24.93 3.08 2.88
N LEU A 421 -26.00 2.40 2.45
CA LEU A 421 -26.22 1.01 2.83
C LEU A 421 -25.08 0.12 2.37
N MET A 422 -24.71 0.25 1.10
CA MET A 422 -23.70 -0.62 0.52
C MET A 422 -22.37 -0.47 1.25
N VAL A 423 -21.99 0.78 1.54
CA VAL A 423 -20.75 1.08 2.25
C VAL A 423 -20.80 0.59 3.69
N SER A 424 -21.97 0.71 4.32
CA SER A 424 -22.08 0.41 5.75
C SER A 424 -21.69 -1.02 6.07
N ARG A 425 -22.15 -1.98 5.28
CA ARG A 425 -22.07 -3.40 5.65
C ARG A 425 -21.28 -4.23 4.64
N MET A 426 -20.22 -3.65 4.06
CA MET A 426 -19.45 -4.35 3.06
C MET A 426 -18.87 -5.66 3.58
N ALA A 427 -19.01 -6.70 2.78
CA ALA A 427 -18.47 -8.01 3.07
C ALA A 427 -16.95 -7.99 3.08
N LYS A 428 -16.36 -8.91 3.84
CA LYS A 428 -14.92 -8.95 4.01
C LYS A 428 -14.25 -9.23 2.67
N PRO A 429 -13.39 -8.33 2.18
CA PRO A 429 -12.47 -8.72 1.09
C PRO A 429 -11.41 -9.65 1.63
N GLU A 430 -10.53 -10.18 0.78
CA GLU A 430 -9.46 -11.02 1.28
C GLU A 430 -8.40 -10.16 1.97
N GLU A 431 -8.81 -9.39 2.97
CA GLU A 431 -7.87 -8.69 3.84
C GLU A 431 -7.06 -9.66 4.68
N VAL A 432 -7.61 -10.85 4.95
CA VAL A 432 -6.93 -11.85 5.77
C VAL A 432 -6.39 -11.24 7.05
N THR A 450 -16.49 -19.31 -3.40
CA THR A 450 -17.25 -19.48 -2.17
C THR A 450 -18.24 -18.31 -2.03
N ASP A 451 -19.17 -18.43 -1.08
CA ASP A 451 -20.09 -17.32 -0.82
C ASP A 451 -19.33 -16.03 -0.63
N SER A 452 -18.18 -16.09 0.06
CA SER A 452 -17.40 -14.90 0.33
C SER A 452 -17.03 -14.20 -0.98
N ILE A 453 -16.23 -14.89 -1.81
CA ILE A 453 -15.80 -14.31 -3.08
C ILE A 453 -17.00 -13.76 -3.83
N ASN A 454 -18.06 -14.56 -3.92
CA ASN A 454 -19.23 -14.17 -4.69
C ASN A 454 -19.75 -12.82 -4.23
N LEU A 455 -20.16 -12.74 -2.96
CA LEU A 455 -20.77 -11.52 -2.46
C LEU A 455 -19.78 -10.37 -2.58
N TYR A 456 -18.52 -10.63 -2.27
CA TYR A 456 -17.53 -9.57 -2.31
C TYR A 456 -17.43 -8.98 -3.69
N LYS A 457 -17.28 -9.83 -4.70
CA LYS A 457 -17.14 -9.33 -6.07
C LYS A 457 -18.38 -8.55 -6.47
N ASN A 458 -19.55 -9.15 -6.24
CA ASN A 458 -20.81 -8.52 -6.68
C ASN A 458 -20.91 -7.13 -6.10
N MET A 459 -20.55 -6.99 -4.83
CA MET A 459 -20.73 -5.73 -4.15
C MET A 459 -19.63 -4.76 -4.53
N ARG A 460 -18.42 -5.26 -4.80
CA ARG A 460 -17.39 -4.37 -5.31
C ARG A 460 -17.89 -3.70 -6.57
N GLU A 461 -18.48 -4.48 -7.50
CA GLU A 461 -18.89 -3.85 -8.75
C GLU A 461 -20.01 -2.87 -8.47
N THR A 462 -20.93 -3.24 -7.58
CA THR A 462 -22.06 -2.37 -7.31
C THR A 462 -21.56 -1.03 -6.77
N LEU A 463 -20.60 -1.07 -5.84
CA LEU A 463 -20.14 0.18 -5.28
C LEU A 463 -19.31 0.96 -6.29
N VAL A 464 -18.57 0.28 -7.17
CA VAL A 464 -17.75 1.03 -8.10
C VAL A 464 -18.68 1.74 -9.08
N TYR A 465 -19.80 1.08 -9.41
CA TYR A 465 -20.73 1.70 -10.33
C TYR A 465 -21.34 2.91 -9.67
N LEU A 466 -21.74 2.75 -8.39
CA LEU A 466 -22.41 3.86 -7.73
C LEU A 466 -21.46 5.05 -7.59
N THR A 467 -20.16 4.78 -7.43
CA THR A 467 -19.24 5.91 -7.29
C THR A 467 -19.10 6.59 -8.65
N HIS A 468 -18.90 5.79 -9.71
CA HIS A 468 -18.72 6.37 -11.03
C HIS A 468 -19.95 7.17 -11.41
N LEU A 469 -21.08 6.92 -10.75
CA LEU A 469 -22.30 7.69 -10.98
C LEU A 469 -22.27 9.02 -10.21
N ASP A 470 -21.73 9.03 -8.99
CA ASP A 470 -21.56 10.29 -8.26
C ASP A 470 -20.36 10.13 -7.32
N TYR A 471 -19.22 10.70 -7.73
CA TYR A 471 -18.02 10.64 -6.91
C TYR A 471 -18.16 11.46 -5.63
N VAL A 472 -18.78 12.63 -5.73
CA VAL A 472 -18.79 13.58 -4.62
C VAL A 472 -19.53 12.99 -3.41
N ASP A 473 -20.74 12.49 -3.63
CA ASP A 473 -21.51 11.94 -2.52
C ASP A 473 -20.87 10.70 -1.93
N THR A 474 -20.20 9.90 -2.76
CA THR A 474 -19.51 8.73 -2.25
C THR A 474 -18.35 9.11 -1.33
N GLU A 475 -17.50 10.04 -1.78
CA GLU A 475 -16.43 10.51 -0.92
C GLU A 475 -16.98 11.16 0.34
N ARG A 476 -18.06 11.92 0.21
CA ARG A 476 -18.67 12.57 1.36
C ARG A 476 -19.11 11.53 2.39
N ILE A 477 -19.84 10.52 1.95
CA ILE A 477 -20.32 9.48 2.88
C ILE A 477 -19.16 8.79 3.58
N MET A 478 -18.12 8.40 2.83
CA MET A 478 -17.04 7.70 3.51
C MET A 478 -16.31 8.61 4.49
N THR A 479 -16.13 9.89 4.15
CA THR A 479 -15.42 10.76 5.08
C THR A 479 -16.26 11.06 6.31
N GLU A 480 -17.58 11.15 6.16
CA GLU A 480 -18.45 11.30 7.32
C GLU A 480 -18.35 10.10 8.23
N LYS A 481 -18.48 8.89 7.68
CA LYS A 481 -18.37 7.71 8.55
C LYS A 481 -16.99 7.58 9.17
N LEU A 482 -15.94 7.98 8.46
CA LEU A 482 -14.62 7.93 9.08
C LEU A 482 -14.51 8.91 10.23
N HIS A 483 -15.06 10.11 10.06
CA HIS A 483 -15.07 11.05 11.18
C HIS A 483 -15.86 10.50 12.36
N ASN A 484 -17.03 9.91 12.10
CA ASN A 484 -17.79 9.31 13.19
C ASN A 484 -17.09 8.13 13.83
N GLN A 485 -16.09 7.55 13.16
CA GLN A 485 -15.19 6.65 13.87
C GLN A 485 -14.23 7.44 14.75
N VAL A 486 -13.59 8.47 14.19
CA VAL A 486 -12.69 9.30 14.98
C VAL A 486 -13.45 9.99 16.10
N ASN A 487 -14.71 10.34 15.84
CA ASN A 487 -15.57 10.91 16.88
C ASN A 487 -15.81 9.96 18.04
N GLY A 488 -15.63 8.65 17.81
CA GLY A 488 -16.06 7.65 18.77
C GLY A 488 -17.53 7.32 18.73
N THR A 489 -18.37 8.19 18.14
CA THR A 489 -19.80 7.96 18.17
C THR A 489 -20.19 6.63 17.54
N GLU A 490 -19.46 6.18 16.53
CA GLU A 490 -19.70 4.89 15.88
C GLU A 490 -18.52 3.96 15.99
N TRP A 491 -17.62 4.19 16.94
CA TRP A 491 -16.42 3.37 17.03
C TRP A 491 -16.77 1.93 17.34
N SER A 492 -16.29 1.03 16.50
CA SER A 492 -16.42 -0.41 16.68
C SER A 492 -15.53 -1.09 15.66
N TRP A 493 -14.83 -2.14 16.08
CA TRP A 493 -13.90 -2.83 15.18
C TRP A 493 -14.60 -3.27 13.90
N LYS A 494 -15.84 -3.75 14.02
CA LYS A 494 -16.60 -4.13 12.85
C LYS A 494 -16.83 -2.95 11.92
N ASN A 495 -17.31 -1.83 12.47
CA ASN A 495 -17.62 -0.69 11.62
C ASN A 495 -16.37 -0.10 10.98
N LEU A 496 -15.25 -0.11 11.70
CA LEU A 496 -14.01 0.36 11.11
C LEU A 496 -13.56 -0.55 9.99
N ASN A 497 -13.60 -1.86 10.23
CA ASN A 497 -13.19 -2.80 9.20
C ASN A 497 -14.04 -2.66 7.94
N THR A 498 -15.37 -2.69 8.10
CA THR A 498 -16.25 -2.59 6.93
C THR A 498 -16.04 -1.27 6.19
N LEU A 499 -15.88 -0.17 6.92
CA LEU A 499 -15.67 1.11 6.24
C LEU A 499 -14.36 1.11 5.45
N CYS A 500 -13.28 0.60 6.05
CA CYS A 500 -12.01 0.59 5.33
C CYS A 500 -12.04 -0.38 4.16
N TRP A 501 -12.78 -1.48 4.27
CA TRP A 501 -13.01 -2.33 3.11
C TRP A 501 -13.68 -1.54 1.99
N ALA A 502 -14.73 -0.78 2.31
CA ALA A 502 -15.39 0.00 1.27
C ALA A 502 -14.42 0.99 0.62
N ILE A 503 -13.64 1.68 1.46
CA ILE A 503 -12.68 2.65 0.94
C ILE A 503 -11.68 1.99 0.01
N GLY A 504 -11.17 0.82 0.39
CA GLY A 504 -10.25 0.13 -0.50
C GLY A 504 -10.92 -0.37 -1.77
N SER A 505 -12.17 -0.79 -1.65
CA SER A 505 -12.89 -1.31 -2.82
C SER A 505 -13.17 -0.22 -3.85
N ILE A 506 -13.22 1.04 -3.42
CA ILE A 506 -13.40 2.11 -4.41
C ILE A 506 -12.22 2.17 -5.37
N SER A 507 -11.01 2.04 -4.83
CA SER A 507 -9.74 2.06 -5.56
C SER A 507 -9.83 2.15 -7.08
N GLY A 508 -9.33 3.25 -7.63
CA GLY A 508 -9.24 3.45 -9.06
C GLY A 508 -10.49 3.99 -9.72
N ALA A 509 -11.62 4.06 -9.03
CA ALA A 509 -12.83 4.56 -9.64
C ALA A 509 -12.80 6.08 -9.82
N MET A 510 -12.10 6.79 -8.95
CA MET A 510 -11.97 8.23 -9.04
C MET A 510 -10.77 8.68 -9.87
N HIS A 511 -10.87 9.89 -10.41
CA HIS A 511 -9.75 10.53 -11.07
C HIS A 511 -8.59 10.73 -10.11
N GLU A 512 -7.38 10.73 -10.66
CA GLU A 512 -6.18 10.71 -9.81
C GLU A 512 -6.11 11.91 -8.87
N GLU A 513 -6.54 13.08 -9.32
CA GLU A 513 -6.54 14.23 -8.41
C GLU A 513 -7.57 14.08 -7.29
N ASP A 514 -8.76 13.57 -7.61
CA ASP A 514 -9.75 13.38 -6.56
C ASP A 514 -9.36 12.23 -5.65
N GLU A 515 -8.76 11.18 -6.22
CA GLU A 515 -8.16 10.14 -5.39
C GLU A 515 -7.11 10.72 -4.46
N LYS A 516 -6.27 11.61 -4.96
CA LYS A 516 -5.24 12.22 -4.13
C LYS A 516 -5.86 12.99 -2.95
N ARG A 517 -6.84 13.85 -3.23
CA ARG A 517 -7.50 14.56 -2.14
C ARG A 517 -8.12 13.58 -1.15
N PHE A 518 -8.91 12.63 -1.65
CA PHE A 518 -9.64 11.71 -0.80
C PHE A 518 -8.70 10.94 0.12
N LEU A 519 -7.63 10.36 -0.44
CA LEU A 519 -6.68 9.63 0.37
C LEU A 519 -5.89 10.52 1.31
N VAL A 520 -5.59 11.75 0.93
CA VAL A 520 -4.93 12.64 1.89
C VAL A 520 -5.82 12.84 3.12
N THR A 521 -7.12 13.07 2.89
CA THR A 521 -8.04 13.24 4.01
C THR A 521 -8.14 11.96 4.83
N VAL A 522 -8.34 10.82 4.17
CA VAL A 522 -8.55 9.57 4.87
C VAL A 522 -7.31 9.18 5.67
N ILE A 523 -6.13 9.34 5.09
CA ILE A 523 -4.90 8.99 5.81
C ILE A 523 -4.70 9.92 7.00
N LYS A 524 -4.99 11.22 6.85
CA LYS A 524 -4.87 12.10 8.00
C LYS A 524 -5.83 11.68 9.11
N ASP A 525 -7.08 11.36 8.75
CA ASP A 525 -8.05 10.91 9.74
C ASP A 525 -7.60 9.64 10.44
N LEU A 526 -7.18 8.64 9.66
CA LEU A 526 -6.79 7.36 10.24
C LEU A 526 -5.55 7.51 11.11
N LEU A 527 -4.61 8.36 10.74
CA LEU A 527 -3.46 8.59 11.60
C LEU A 527 -3.84 9.32 12.87
N GLY A 528 -4.85 10.21 12.79
CA GLY A 528 -5.36 10.81 14.01
C GLY A 528 -6.02 9.80 14.92
N LEU A 529 -6.84 8.92 14.35
CA LEU A 529 -7.45 7.86 15.14
C LEU A 529 -6.40 6.90 15.73
N CYS A 530 -5.33 6.65 14.98
CA CYS A 530 -4.26 5.80 15.49
C CYS A 530 -3.48 6.46 16.62
N GLU A 531 -3.49 7.79 16.66
CA GLU A 531 -2.97 8.46 17.86
C GLU A 531 -3.97 8.43 19.00
N GLN A 532 -5.24 8.72 18.71
CA GLN A 532 -6.23 8.89 19.77
C GLN A 532 -6.49 7.58 20.50
N LYS A 533 -6.67 6.48 19.77
CA LYS A 533 -7.03 5.21 20.38
C LYS A 533 -5.82 4.59 21.08
N ARG A 534 -6.03 4.15 22.31
CA ARG A 534 -4.94 3.50 23.08
C ARG A 534 -5.34 2.05 23.30
N GLY A 535 -4.39 1.20 23.59
CA GLY A 535 -4.60 -0.24 23.68
C GLY A 535 -4.09 -0.95 22.44
N LYS A 536 -3.22 -1.94 22.63
CA LYS A 536 -2.61 -2.59 21.47
C LYS A 536 -3.64 -3.16 20.52
N ASP A 537 -4.77 -3.66 21.06
CA ASP A 537 -5.74 -4.32 20.18
C ASP A 537 -6.29 -3.33 19.17
N ASN A 538 -6.77 -2.18 19.65
CA ASN A 538 -7.33 -1.18 18.76
C ASN A 538 -6.25 -0.69 17.82
N LYS A 539 -5.05 -0.46 18.36
CA LYS A 539 -3.95 0.07 17.58
C LYS A 539 -3.67 -0.86 16.40
N ALA A 540 -3.65 -2.17 16.65
CA ALA A 540 -3.35 -3.13 15.60
C ALA A 540 -4.47 -3.21 14.58
N ILE A 541 -5.74 -3.26 15.02
CA ILE A 541 -6.80 -3.29 14.02
C ILE A 541 -6.67 -2.07 13.11
N ILE A 542 -6.35 -0.91 13.69
CA ILE A 542 -6.28 0.31 12.89
C ILE A 542 -5.10 0.22 11.93
N ALA A 543 -3.96 -0.25 12.44
CA ALA A 543 -2.78 -0.44 11.61
C ALA A 543 -3.12 -1.31 10.40
N SER A 544 -3.87 -2.39 10.64
CA SER A 544 -4.18 -3.30 9.55
C SER A 544 -5.05 -2.61 8.53
N ASN A 545 -6.08 -1.89 8.99
CA ASN A 545 -6.94 -1.21 8.03
C ASN A 545 -6.12 -0.22 7.20
N ILE A 546 -5.15 0.44 7.84
CA ILE A 546 -4.30 1.39 7.13
C ILE A 546 -3.50 0.67 6.06
N MET A 547 -2.81 -0.40 6.44
CA MET A 547 -2.00 -1.15 5.48
C MET A 547 -2.87 -1.58 4.31
N TYR A 548 -4.08 -2.04 4.59
CA TYR A 548 -4.97 -2.42 3.51
C TYR A 548 -5.19 -1.24 2.58
N ILE A 549 -5.76 -0.14 3.09
CA ILE A 549 -6.11 0.98 2.22
C ILE A 549 -4.91 1.40 1.38
N VAL A 550 -3.73 1.45 2.00
CA VAL A 550 -2.56 1.98 1.30
C VAL A 550 -2.11 1.02 0.19
N GLY A 551 -2.01 -0.26 0.52
CA GLY A 551 -1.70 -1.24 -0.52
C GLY A 551 -2.58 -1.13 -1.74
N GLN A 552 -3.87 -0.90 -1.54
CA GLN A 552 -4.81 -0.88 -2.65
C GLN A 552 -4.64 0.33 -3.56
N TYR A 553 -3.83 1.32 -3.17
CA TYR A 553 -3.66 2.57 -3.91
C TYR A 553 -2.20 2.76 -4.30
N PRO A 554 -1.69 1.94 -5.23
CA PRO A 554 -0.30 2.14 -5.66
C PRO A 554 -0.09 3.39 -6.49
N ARG A 555 -1.10 3.84 -7.22
CA ARG A 555 -0.97 5.09 -7.98
C ARG A 555 -0.64 6.25 -7.06
N PHE A 556 -1.40 6.39 -5.97
CA PHE A 556 -1.12 7.45 -5.01
C PHE A 556 0.31 7.36 -4.48
N LEU A 557 0.78 6.14 -4.20
CA LEU A 557 2.14 5.99 -3.70
C LEU A 557 3.18 6.40 -4.75
N ARG A 558 2.92 6.10 -6.02
CA ARG A 558 3.83 6.56 -7.06
C ARG A 558 3.82 8.07 -7.18
N ALA A 559 2.68 8.71 -6.94
CA ALA A 559 2.61 10.16 -7.04
C ALA A 559 3.26 10.88 -5.85
N HIS A 560 3.48 10.19 -4.73
CA HIS A 560 4.00 10.81 -3.50
C HIS A 560 5.19 10.00 -2.97
N TRP A 561 6.36 10.21 -3.58
CA TRP A 561 7.52 9.40 -3.23
C TRP A 561 7.80 9.40 -1.73
N LYS A 562 7.72 10.57 -1.08
CA LYS A 562 8.10 10.63 0.32
C LYS A 562 7.11 9.86 1.18
N PHE A 563 5.84 9.88 0.80
CA PHE A 563 4.85 9.09 1.52
C PHE A 563 5.13 7.60 1.36
N LEU A 564 5.46 7.18 0.14
CA LEU A 564 5.83 5.78 -0.09
C LEU A 564 7.02 5.40 0.79
N LYS A 565 8.05 6.24 0.85
CA LYS A 565 9.20 5.95 1.69
C LYS A 565 8.81 5.82 3.15
N THR A 566 7.92 6.70 3.62
CA THR A 566 7.43 6.61 4.99
C THR A 566 6.69 5.31 5.23
N VAL A 567 5.78 4.96 4.31
CA VAL A 567 5.01 3.73 4.44
C VAL A 567 5.94 2.52 4.51
N VAL A 568 6.95 2.48 3.65
CA VAL A 568 7.87 1.35 3.63
C VAL A 568 8.65 1.25 4.94
N ASN A 569 9.16 2.38 5.43
CA ASN A 569 9.85 2.36 6.72
C ASN A 569 8.91 1.92 7.84
N LYS A 570 7.64 2.34 7.76
CA LYS A 570 6.67 1.94 8.76
C LYS A 570 6.45 0.44 8.73
N LEU A 571 6.30 -0.12 7.52
CA LEU A 571 6.18 -1.56 7.37
C LEU A 571 7.39 -2.29 7.94
N PHE A 572 8.59 -1.75 7.73
CA PHE A 572 9.76 -2.36 8.35
C PHE A 572 9.78 -2.18 9.85
N GLU A 573 8.98 -1.26 10.38
CA GLU A 573 8.73 -1.24 11.81
C GLU A 573 7.75 -2.33 12.24
N PHE A 574 6.68 -2.51 11.48
CA PHE A 574 5.69 -3.54 11.81
C PHE A 574 6.26 -4.94 11.69
N MET A 575 7.24 -5.13 10.82
CA MET A 575 7.92 -6.42 10.74
C MET A 575 8.62 -6.81 12.04
N HIS A 576 8.83 -5.87 12.96
CA HIS A 576 9.36 -6.22 14.27
C HIS A 576 8.30 -6.21 15.37
N GLU A 577 7.05 -5.86 15.05
CA GLU A 577 5.97 -6.07 15.98
C GLU A 577 5.79 -7.56 16.25
N THR A 578 5.01 -7.88 17.28
CA THR A 578 4.70 -9.25 17.63
C THR A 578 3.22 -9.49 17.88
N HIS A 579 2.38 -8.47 17.77
CA HIS A 579 0.95 -8.62 17.95
C HIS A 579 0.36 -9.42 16.80
N ASP A 580 -0.15 -10.61 17.11
CA ASP A 580 -0.93 -11.44 16.19
C ASP A 580 -0.36 -11.48 14.77
N GLY A 581 -1.21 -11.19 13.78
CA GLY A 581 -0.88 -11.28 12.37
C GLY A 581 -0.26 -10.04 11.77
N VAL A 582 0.13 -9.07 12.58
CA VAL A 582 0.61 -7.80 12.03
C VAL A 582 1.81 -8.02 11.13
N GLN A 583 2.70 -8.93 11.51
CA GLN A 583 3.86 -9.18 10.65
C GLN A 583 3.47 -9.78 9.30
N ASP A 584 2.43 -10.63 9.27
CA ASP A 584 1.98 -11.18 8.01
C ASP A 584 1.30 -10.12 7.14
N MET A 585 0.39 -9.34 7.74
CA MET A 585 -0.21 -8.23 7.00
C MET A 585 0.86 -7.28 6.48
N ALA A 586 1.90 -7.05 7.28
CA ALA A 586 2.98 -6.17 6.86
C ALA A 586 3.68 -6.72 5.62
N CYS A 587 4.13 -7.97 5.69
CA CYS A 587 4.84 -8.53 4.53
C CYS A 587 3.94 -8.60 3.31
N ASP A 588 2.67 -8.95 3.49
CA ASP A 588 1.75 -8.99 2.35
C ASP A 588 1.59 -7.62 1.72
N THR A 589 1.50 -6.57 2.53
CA THR A 589 1.40 -5.23 1.97
C THR A 589 2.70 -4.83 1.29
N PHE A 590 3.83 -5.19 1.89
CA PHE A 590 5.12 -4.85 1.30
C PHE A 590 5.27 -5.47 -0.08
N ILE A 591 4.91 -6.75 -0.22
CA ILE A 591 5.01 -7.39 -1.53
C ILE A 591 3.97 -6.83 -2.50
N LYS A 592 2.77 -6.50 -2.01
CA LYS A 592 1.77 -5.89 -2.88
C LYS A 592 2.22 -4.54 -3.41
N ILE A 593 3.01 -3.81 -2.63
CA ILE A 593 3.59 -2.57 -3.13
C ILE A 593 4.73 -2.86 -4.10
N ALA A 594 5.71 -3.65 -3.68
CA ALA A 594 6.93 -3.81 -4.47
C ALA A 594 6.65 -4.34 -5.87
N GLN A 595 5.59 -5.15 -6.03
CA GLN A 595 5.21 -5.59 -7.37
C GLN A 595 4.81 -4.40 -8.24
N LYS A 596 4.14 -3.41 -7.67
CA LYS A 596 3.51 -2.35 -8.46
C LYS A 596 4.33 -1.08 -8.53
N CYS A 597 5.15 -0.79 -7.52
CA CYS A 597 6.00 0.39 -7.50
C CYS A 597 7.46 0.06 -7.79
N ARG A 598 7.72 -1.12 -8.35
CA ARG A 598 9.08 -1.64 -8.43
C ARG A 598 10.06 -0.62 -9.02
N ARG A 599 9.63 0.11 -10.05
CA ARG A 599 10.56 1.01 -10.73
C ARG A 599 10.99 2.16 -9.83
N HIS A 600 10.08 2.65 -8.98
CA HIS A 600 10.41 3.81 -8.15
C HIS A 600 11.54 3.49 -7.17
N PHE A 601 11.66 2.24 -6.75
CA PHE A 601 12.71 1.87 -5.81
C PHE A 601 14.08 1.81 -6.47
N VAL A 602 14.16 1.66 -7.79
CA VAL A 602 15.44 1.55 -8.48
C VAL A 602 15.84 2.85 -9.15
N GLN A 603 14.87 3.69 -9.48
CA GLN A 603 15.17 5.07 -9.87
C GLN A 603 15.74 5.84 -8.69
N VAL A 604 16.63 6.78 -8.99
CA VAL A 604 16.99 7.83 -8.06
C VAL A 604 15.90 8.89 -8.11
N GLN A 605 15.10 8.97 -7.06
CA GLN A 605 13.99 9.91 -7.02
C GLN A 605 14.46 11.33 -6.73
N VAL A 606 13.55 12.28 -6.95
CA VAL A 606 13.86 13.70 -6.78
C VAL A 606 14.40 13.95 -5.40
N GLY A 607 15.61 14.50 -5.34
CA GLY A 607 16.26 14.81 -4.08
C GLY A 607 16.93 13.63 -3.39
N GLU A 608 16.92 12.45 -4.00
CA GLU A 608 17.65 11.33 -3.43
C GLU A 608 19.12 11.39 -3.83
N VAL A 609 19.98 10.94 -2.93
CA VAL A 609 21.40 10.77 -3.23
C VAL A 609 21.71 9.39 -3.79
N MET A 610 20.88 8.39 -3.48
CA MET A 610 21.10 7.01 -3.89
C MET A 610 19.74 6.35 -4.00
N PRO A 611 19.59 5.33 -4.84
CA PRO A 611 18.28 4.70 -4.99
C PRO A 611 17.90 3.88 -3.77
N PHE A 612 16.61 3.91 -3.45
CA PHE A 612 16.13 3.36 -2.18
C PHE A 612 16.42 1.87 -2.08
N ILE A 613 16.47 1.18 -3.22
CA ILE A 613 16.83 -0.22 -3.25
C ILE A 613 18.14 -0.48 -2.49
N ASP A 614 19.12 0.41 -2.66
CA ASP A 614 20.39 0.20 -1.99
C ASP A 614 20.27 0.35 -0.48
N GLU A 615 19.42 1.26 -0.03
CA GLU A 615 19.15 1.37 1.40
C GLU A 615 18.49 0.11 1.92
N ILE A 616 17.51 -0.43 1.18
CA ILE A 616 16.83 -1.64 1.62
C ILE A 616 17.82 -2.79 1.75
N LEU A 617 18.64 -3.00 0.73
CA LEU A 617 19.65 -4.06 0.82
C LEU A 617 20.70 -3.79 1.90
N ASN A 618 20.92 -2.54 2.28
CA ASN A 618 21.82 -2.28 3.41
C ASN A 618 21.16 -2.65 4.74
N ASN A 619 19.88 -2.31 4.90
CA ASN A 619 19.16 -2.59 6.13
C ASN A 619 18.65 -4.03 6.23
N ILE A 620 18.75 -4.80 5.15
CA ILE A 620 18.07 -6.10 5.09
C ILE A 620 18.37 -6.95 6.31
N ASN A 621 19.63 -6.98 6.74
CA ASN A 621 20.00 -7.82 7.88
C ASN A 621 19.23 -7.46 9.14
N THR A 622 18.88 -6.18 9.31
CA THR A 622 18.06 -5.77 10.44
C THR A 622 16.57 -5.95 10.18
N ILE A 623 16.12 -5.61 8.98
CA ILE A 623 14.69 -5.53 8.71
C ILE A 623 13.99 -6.85 9.01
N ILE A 624 14.63 -7.98 8.71
CA ILE A 624 14.02 -9.29 8.86
C ILE A 624 14.36 -9.96 10.17
N CYS A 625 14.99 -9.24 11.11
CA CYS A 625 15.51 -9.88 12.31
C CYS A 625 14.50 -10.78 13.01
N ASP A 626 13.21 -10.50 12.87
CA ASP A 626 12.18 -11.21 13.63
C ASP A 626 11.18 -11.97 12.79
N LEU A 627 11.33 -12.01 11.46
CA LEU A 627 10.31 -12.58 10.61
C LEU A 627 10.35 -14.11 10.63
N GLN A 628 9.18 -14.70 10.41
CA GLN A 628 9.05 -16.14 10.22
C GLN A 628 9.53 -16.55 8.83
N PRO A 629 9.88 -17.83 8.65
CA PRO A 629 10.48 -18.24 7.36
C PRO A 629 9.66 -17.87 6.13
N GLN A 630 8.35 -18.13 6.13
CA GLN A 630 7.54 -17.73 4.97
C GLN A 630 7.45 -16.21 4.85
N GLN A 631 7.59 -15.50 5.97
CA GLN A 631 7.65 -14.04 5.89
C GLN A 631 8.97 -13.59 5.29
N VAL A 632 10.08 -14.24 5.68
CA VAL A 632 11.36 -13.95 5.06
C VAL A 632 11.28 -14.20 3.55
N HIS A 633 10.66 -15.31 3.16
CA HIS A 633 10.52 -15.60 1.73
C HIS A 633 9.69 -14.54 1.02
N THR A 634 8.61 -14.07 1.63
CA THR A 634 7.84 -12.99 1.01
C THR A 634 8.67 -11.71 0.89
N PHE A 635 9.51 -11.44 1.90
CA PHE A 635 10.35 -10.25 1.83
C PHE A 635 11.36 -10.36 0.71
N TYR A 636 12.06 -11.48 0.63
CA TYR A 636 13.03 -11.68 -0.44
C TYR A 636 12.38 -11.64 -1.81
N GLU A 637 11.16 -12.17 -1.94
CA GLU A 637 10.47 -12.06 -3.21
C GLU A 637 10.18 -10.61 -3.56
N ALA A 638 9.71 -9.83 -2.58
CA ALA A 638 9.45 -8.41 -2.83
C ALA A 638 10.72 -7.70 -3.32
N VAL A 639 11.83 -7.93 -2.62
CA VAL A 639 13.09 -7.34 -3.06
C VAL A 639 13.46 -7.84 -4.45
N GLY A 640 13.16 -9.10 -4.75
CA GLY A 640 13.43 -9.58 -6.09
C GLY A 640 12.67 -8.79 -7.12
N TYR A 641 11.41 -8.46 -6.82
CA TYR A 641 10.63 -7.66 -7.77
C TYR A 641 11.23 -6.28 -7.93
N MET A 642 11.81 -5.73 -6.87
CA MET A 642 12.44 -4.42 -7.00
C MET A 642 13.70 -4.50 -7.87
N ILE A 643 14.57 -5.47 -7.59
CA ILE A 643 15.78 -5.65 -8.39
C ILE A 643 15.44 -5.96 -9.85
N GLY A 644 14.33 -6.64 -10.10
CA GLY A 644 13.87 -6.91 -11.44
C GLY A 644 13.51 -5.70 -12.27
N ALA A 645 13.51 -4.50 -11.68
CA ALA A 645 13.27 -3.29 -12.46
C ALA A 645 14.54 -2.63 -12.94
N GLN A 646 15.69 -2.94 -12.35
CA GLN A 646 16.94 -2.32 -12.78
C GLN A 646 17.29 -2.81 -14.17
N THR A 647 17.27 -1.90 -15.15
CA THR A 647 17.52 -2.28 -16.54
C THR A 647 19.00 -2.38 -16.88
N ASP A 648 19.87 -1.68 -16.15
CA ASP A 648 21.30 -1.79 -16.39
C ASP A 648 21.79 -3.16 -15.93
N GLN A 649 22.30 -3.94 -16.88
CA GLN A 649 22.74 -5.30 -16.56
C GLN A 649 23.83 -5.29 -15.49
N THR A 650 24.77 -4.36 -15.57
CA THR A 650 25.86 -4.32 -14.60
C THR A 650 25.37 -3.88 -13.22
N VAL A 651 24.56 -2.83 -13.17
CA VAL A 651 24.02 -2.38 -11.90
C VAL A 651 23.14 -3.46 -11.29
N GLN A 652 22.29 -4.08 -12.13
CA GLN A 652 21.44 -5.15 -11.64
C GLN A 652 22.28 -6.32 -11.14
N GLU A 653 23.41 -6.60 -11.80
CA GLU A 653 24.34 -7.59 -11.28
C GLU A 653 24.79 -7.27 -9.87
N HIS A 654 25.26 -6.03 -9.63
CA HIS A 654 25.70 -5.71 -8.28
C HIS A 654 24.55 -5.77 -7.29
N LEU A 655 23.35 -5.35 -7.70
CA LEU A 655 22.19 -5.48 -6.84
C LEU A 655 21.96 -6.94 -6.46
N ILE A 656 21.94 -7.83 -7.44
CA ILE A 656 21.70 -9.24 -7.15
C ILE A 656 22.78 -9.80 -6.24
N GLU A 657 24.04 -9.42 -6.45
CA GLU A 657 25.10 -9.93 -5.59
C GLU A 657 24.91 -9.48 -4.15
N LYS A 658 24.62 -8.20 -3.94
CA LYS A 658 24.38 -7.72 -2.58
C LYS A 658 23.16 -8.39 -1.97
N TYR A 659 22.10 -8.51 -2.75
CA TYR A 659 20.84 -9.09 -2.31
C TYR A 659 21.02 -10.50 -1.78
N MET A 660 21.66 -11.37 -2.54
CA MET A 660 21.84 -12.77 -2.18
C MET A 660 22.99 -13.01 -1.21
N LEU A 661 23.67 -11.95 -0.76
CA LEU A 661 24.89 -12.14 0.04
C LEU A 661 24.65 -12.99 1.28
N LEU A 662 23.56 -12.74 2.03
CA LEU A 662 23.33 -13.51 3.25
C LEU A 662 23.04 -14.98 2.96
N PRO A 663 22.05 -15.32 2.13
CA PRO A 663 21.88 -16.73 1.76
C PRO A 663 23.14 -17.35 1.20
N ASN A 664 23.88 -16.62 0.36
CA ASN A 664 25.12 -17.16 -0.18
C ASN A 664 26.10 -17.48 0.93
N GLN A 665 26.21 -16.61 1.93
CA GLN A 665 27.09 -16.87 3.07
C GLN A 665 26.69 -18.15 3.79
N VAL A 666 25.39 -18.31 4.05
CA VAL A 666 24.94 -19.49 4.77
C VAL A 666 25.20 -20.74 3.94
N TRP A 667 24.87 -20.69 2.66
CA TRP A 667 25.12 -21.80 1.75
C TRP A 667 26.58 -22.19 1.75
N ASP A 668 27.46 -21.21 1.54
CA ASP A 668 28.89 -21.46 1.56
C ASP A 668 29.32 -22.12 2.85
N SER A 669 28.82 -21.63 3.98
CA SER A 669 29.17 -22.24 5.26
C SER A 669 28.78 -23.72 5.28
N ILE A 670 27.54 -24.03 4.89
CA ILE A 670 27.09 -25.41 4.94
C ILE A 670 27.90 -26.29 3.99
N ILE A 671 28.16 -25.80 2.77
CA ILE A 671 28.96 -26.57 1.83
C ILE A 671 30.37 -26.80 2.35
N GLN A 672 30.94 -25.79 2.99
CA GLN A 672 32.27 -25.95 3.58
C GLN A 672 32.28 -27.00 4.67
N GLN A 673 31.27 -26.99 5.53
CA GLN A 673 31.15 -28.05 6.53
C GLN A 673 31.00 -29.41 5.87
N ALA A 674 30.25 -29.49 4.77
CA ALA A 674 30.04 -30.76 4.10
C ALA A 674 31.32 -31.30 3.48
N THR A 675 32.10 -30.44 2.83
CA THR A 675 33.37 -30.88 2.27
C THR A 675 34.36 -31.23 3.38
N LYS A 676 34.30 -30.54 4.51
CA LYS A 676 35.11 -30.96 5.66
C LYS A 676 34.68 -32.33 6.15
N ASN A 677 33.38 -32.55 6.29
CA ASN A 677 32.85 -33.90 6.50
C ASN A 677 31.41 -33.95 6.03
N VAL A 678 31.15 -34.80 5.02
CA VAL A 678 29.81 -34.98 4.49
C VAL A 678 28.84 -35.43 5.57
N ASP A 679 29.34 -36.01 6.67
CA ASP A 679 28.48 -36.43 7.76
C ASP A 679 27.58 -35.33 8.28
N ILE A 680 27.95 -34.05 8.08
CA ILE A 680 27.10 -32.93 8.47
C ILE A 680 25.75 -32.94 7.76
N LEU A 681 25.63 -33.60 6.62
CA LEU A 681 24.35 -33.66 5.92
C LEU A 681 23.33 -34.52 6.65
N LYS A 682 23.77 -35.47 7.48
CA LYS A 682 22.85 -36.28 8.26
C LYS A 682 22.46 -35.57 9.57
N ASP A 683 21.85 -34.40 9.40
CA ASP A 683 21.54 -33.54 10.54
C ASP A 683 20.29 -32.71 10.23
N PRO A 684 19.22 -32.84 11.01
CA PRO A 684 17.98 -32.11 10.70
C PRO A 684 18.18 -30.61 10.56
N GLU A 685 19.04 -30.00 11.36
CA GLU A 685 19.25 -28.56 11.24
C GLU A 685 19.91 -28.20 9.92
N THR A 686 20.93 -28.96 9.53
CA THR A 686 21.62 -28.68 8.27
C THR A 686 20.67 -28.80 7.10
N VAL A 687 19.90 -29.89 7.04
CA VAL A 687 19.00 -30.09 5.90
C VAL A 687 17.86 -29.08 5.93
N LYS A 688 17.38 -28.68 7.11
CA LYS A 688 16.33 -27.67 7.15
C LYS A 688 16.84 -26.31 6.71
N GLN A 689 18.09 -25.99 7.05
CA GLN A 689 18.66 -24.73 6.58
C GLN A 689 18.91 -24.76 5.08
N LEU A 690 19.38 -25.89 4.55
CA LEU A 690 19.46 -26.03 3.09
C LEU A 690 18.09 -25.87 2.44
N GLY A 691 17.06 -26.47 3.03
CA GLY A 691 15.72 -26.31 2.49
C GLY A 691 15.27 -24.86 2.44
N SER A 692 15.43 -24.15 3.55
CA SER A 692 15.01 -22.75 3.57
C SER A 692 15.86 -21.89 2.65
N ILE A 693 17.16 -22.17 2.56
CA ILE A 693 18.03 -21.44 1.64
C ILE A 693 17.54 -21.62 0.21
N LEU A 694 17.28 -22.85 -0.19
CA LEU A 694 16.82 -23.11 -1.55
C LEU A 694 15.43 -22.52 -1.78
N LYS A 695 14.56 -22.53 -0.78
CA LYS A 695 13.29 -21.82 -0.92
C LYS A 695 13.49 -20.34 -1.22
N THR A 696 14.40 -19.69 -0.50
CA THR A 696 14.69 -18.29 -0.76
C THR A 696 15.27 -18.10 -2.16
N ASN A 697 16.17 -18.99 -2.57
CA ASN A 697 16.73 -18.91 -3.93
C ASN A 697 15.63 -19.07 -4.97
N VAL A 698 14.72 -20.01 -4.77
CA VAL A 698 13.62 -20.20 -5.70
C VAL A 698 12.79 -18.95 -5.82
N ARG A 699 12.45 -18.33 -4.69
CA ARG A 699 11.61 -17.14 -4.74
C ARG A 699 12.35 -15.99 -5.40
N ALA A 700 13.64 -15.87 -5.13
CA ALA A 700 14.47 -14.86 -5.79
C ALA A 700 14.48 -15.07 -7.30
N CYS A 701 14.75 -16.30 -7.73
CA CYS A 701 14.75 -16.60 -9.16
C CYS A 701 13.42 -16.27 -9.81
N LYS A 702 12.31 -16.65 -9.16
CA LYS A 702 11.00 -16.29 -9.66
C LYS A 702 10.85 -14.80 -9.86
N ALA A 703 11.26 -14.01 -8.87
CA ALA A 703 11.04 -12.56 -8.96
C ALA A 703 12.00 -11.88 -9.93
N VAL A 704 13.29 -12.24 -9.89
CA VAL A 704 14.32 -11.54 -10.66
C VAL A 704 14.27 -11.93 -12.14
N GLY A 705 13.96 -13.18 -12.43
CA GLY A 705 14.00 -13.64 -13.81
C GLY A 705 15.41 -14.03 -14.25
N HIS A 706 15.59 -14.05 -15.57
CA HIS A 706 16.80 -14.53 -16.22
C HIS A 706 18.10 -14.07 -15.57
N PRO A 707 18.25 -12.80 -15.20
CA PRO A 707 19.54 -12.36 -14.64
C PRO A 707 19.93 -13.08 -13.37
N PHE A 708 18.97 -13.73 -12.70
CA PHE A 708 19.33 -14.53 -11.54
C PHE A 708 20.33 -15.62 -11.88
N VAL A 709 20.56 -15.90 -13.16
CA VAL A 709 21.59 -16.85 -13.54
C VAL A 709 22.90 -16.54 -12.84
N ILE A 710 23.18 -15.25 -12.60
CA ILE A 710 24.45 -14.89 -11.98
C ILE A 710 24.57 -15.55 -10.60
N GLN A 711 23.46 -15.63 -9.88
CA GLN A 711 23.47 -16.33 -8.61
C GLN A 711 23.49 -17.85 -8.83
N LEU A 712 22.64 -18.34 -9.74
CA LEU A 712 22.53 -19.78 -9.95
C LEU A 712 23.86 -20.40 -10.33
N GLY A 713 24.57 -19.79 -11.27
CA GLY A 713 25.87 -20.31 -11.66
C GLY A 713 26.87 -20.33 -10.54
N ARG A 714 26.64 -19.54 -9.50
CA ARG A 714 27.53 -19.59 -8.34
C ARG A 714 27.34 -20.89 -7.57
N ILE A 715 26.08 -21.26 -7.28
CA ILE A 715 25.82 -22.43 -6.44
C ILE A 715 25.62 -23.72 -7.22
N TYR A 716 25.44 -23.65 -8.53
CA TYR A 716 24.88 -24.76 -9.28
C TYR A 716 25.54 -26.08 -8.97
N LEU A 717 26.86 -26.16 -9.14
CA LEU A 717 27.50 -27.46 -9.01
C LEU A 717 27.45 -27.96 -7.57
N ASP A 718 27.66 -27.05 -6.61
CA ASP A 718 27.54 -27.46 -5.23
C ASP A 718 26.13 -27.96 -4.96
N MET A 719 25.14 -27.28 -5.52
CA MET A 719 23.78 -27.67 -5.28
C MET A 719 23.55 -29.10 -5.75
N LEU A 720 24.03 -29.42 -6.96
CA LEU A 720 23.83 -30.78 -7.43
C LEU A 720 24.61 -31.77 -6.60
N ASN A 721 25.81 -31.38 -6.12
CA ASN A 721 26.53 -32.30 -5.25
C ASN A 721 25.72 -32.58 -4.00
N VAL A 722 25.13 -31.55 -3.41
CA VAL A 722 24.27 -31.79 -2.25
C VAL A 722 23.15 -32.73 -2.65
N TYR A 723 22.52 -32.45 -3.79
CA TYR A 723 21.44 -33.30 -4.24
C TYR A 723 21.89 -34.75 -4.30
N LYS A 724 23.07 -34.98 -4.88
CA LYS A 724 23.55 -36.34 -5.01
C LYS A 724 23.70 -36.97 -3.64
N CYS A 725 24.33 -36.27 -2.71
CA CYS A 725 24.55 -36.86 -1.41
C CYS A 725 23.24 -37.17 -0.72
N LEU A 726 22.27 -36.25 -0.79
CA LEU A 726 21.00 -36.54 -0.14
C LEU A 726 20.33 -37.74 -0.76
N SER A 727 20.45 -37.92 -2.07
CA SER A 727 19.84 -39.09 -2.68
C SER A 727 20.47 -40.37 -2.14
N GLU A 728 21.79 -40.37 -1.97
CA GLU A 728 22.42 -41.55 -1.38
C GLU A 728 21.81 -41.85 -0.03
N ASN A 729 21.67 -40.83 0.81
CA ASN A 729 21.11 -41.08 2.13
C ASN A 729 19.72 -41.67 2.01
N ILE A 730 18.89 -41.10 1.14
CA ILE A 730 17.54 -41.62 1.03
C ILE A 730 17.59 -43.06 0.60
N SER A 731 18.39 -43.35 -0.43
CA SER A 731 18.48 -44.73 -0.88
C SER A 731 18.96 -45.62 0.25
N ALA A 732 20.03 -45.20 0.92
CA ALA A 732 20.55 -46.01 2.00
C ALA A 732 19.48 -46.24 3.05
N ALA A 733 18.75 -45.21 3.42
CA ALA A 733 17.73 -45.39 4.44
C ALA A 733 16.72 -46.43 3.99
N ILE A 734 16.26 -46.33 2.75
CA ILE A 734 15.26 -47.29 2.32
C ILE A 734 15.85 -48.68 2.34
N GLN A 735 17.04 -48.84 1.74
CA GLN A 735 17.60 -50.18 1.68
C GLN A 735 17.98 -50.66 3.07
N ALA A 736 18.20 -49.75 4.00
CA ALA A 736 18.46 -50.18 5.36
C ALA A 736 17.16 -50.60 6.04
N ASN A 737 16.12 -49.78 5.94
CA ASN A 737 14.99 -49.91 6.86
C ASN A 737 13.65 -50.09 6.17
N GLY A 738 13.61 -50.31 4.86
CA GLY A 738 12.35 -50.47 4.16
C GLY A 738 11.74 -49.15 3.71
N GLU A 739 10.78 -49.26 2.80
CA GLU A 739 10.12 -48.09 2.22
C GLU A 739 9.40 -47.21 3.23
N MET A 740 9.02 -47.74 4.40
CA MET A 740 8.29 -46.93 5.36
C MET A 740 9.08 -45.72 5.83
N VAL A 741 10.41 -45.76 5.73
CA VAL A 741 11.26 -44.64 6.11
C VAL A 741 10.66 -43.33 5.59
N THR A 742 10.01 -43.40 4.43
CA THR A 742 9.28 -42.25 3.91
C THR A 742 8.29 -41.75 4.94
N LYS A 743 8.12 -40.43 4.97
CA LYS A 743 7.40 -39.69 6.01
C LYS A 743 8.15 -39.63 7.33
N GLN A 744 9.32 -40.25 7.45
CA GLN A 744 10.19 -39.95 8.58
C GLN A 744 10.74 -38.54 8.41
N PRO A 745 10.79 -37.74 9.48
CA PRO A 745 10.98 -36.29 9.26
C PRO A 745 12.29 -35.92 8.60
N LEU A 746 13.38 -36.63 8.92
CA LEU A 746 14.63 -36.40 8.22
C LEU A 746 14.49 -36.74 6.73
N ILE A 747 13.81 -37.86 6.44
CA ILE A 747 13.61 -38.26 5.05
C ILE A 747 12.75 -37.22 4.33
N ARG A 748 11.68 -36.77 4.98
CA ARG A 748 10.87 -35.70 4.41
C ARG A 748 11.70 -34.47 4.14
N SER A 749 12.67 -34.19 5.01
CA SER A 749 13.50 -33.00 4.82
C SER A 749 14.40 -33.14 3.60
N MET A 750 15.08 -34.28 3.45
CA MET A 750 15.91 -34.44 2.26
C MET A 750 15.07 -34.42 0.99
N ARG A 751 13.90 -35.05 1.01
CA ARG A 751 13.02 -34.99 -0.16
C ARG A 751 12.58 -33.56 -0.45
N THR A 752 12.36 -32.76 0.59
CA THR A 752 12.05 -31.35 0.39
C THR A 752 13.21 -30.61 -0.27
N VAL A 753 14.43 -30.88 0.18
CA VAL A 753 15.60 -30.26 -0.46
C VAL A 753 15.67 -30.64 -1.94
N LYS A 754 15.43 -31.91 -2.25
CA LYS A 754 15.42 -32.36 -3.63
C LYS A 754 14.35 -31.63 -4.44
N ARG A 755 13.12 -31.57 -3.92
CA ARG A 755 12.06 -30.88 -4.62
C ARG A 755 12.39 -29.41 -4.84
N GLU A 756 13.00 -28.76 -3.84
CA GLU A 756 13.34 -27.35 -4.00
C GLU A 756 14.43 -27.14 -5.04
N THR A 757 15.41 -28.06 -5.10
CA THR A 757 16.41 -27.99 -6.17
C THR A 757 15.74 -28.07 -7.54
N LEU A 758 14.86 -29.04 -7.72
CA LEU A 758 14.22 -29.21 -9.01
C LEU A 758 13.31 -28.03 -9.34
N LYS A 759 12.63 -27.48 -8.33
CA LYS A 759 11.82 -26.29 -8.54
C LYS A 759 12.66 -25.10 -8.96
N LEU A 760 13.84 -24.93 -8.37
CA LEU A 760 14.72 -23.83 -8.74
C LEU A 760 15.18 -23.96 -10.18
N ILE A 761 15.71 -25.14 -10.53
CA ILE A 761 16.14 -25.35 -11.92
C ILE A 761 15.00 -25.12 -12.88
N SER A 762 13.83 -25.70 -12.61
CA SER A 762 12.70 -25.52 -13.51
C SER A 762 12.33 -24.06 -13.64
N GLY A 763 12.32 -23.33 -12.53
CA GLY A 763 12.00 -21.91 -12.60
C GLY A 763 12.95 -21.15 -13.51
N TRP A 764 14.25 -21.31 -13.28
CA TRP A 764 15.20 -20.53 -14.05
C TRP A 764 15.18 -20.92 -15.51
N VAL A 765 15.19 -22.23 -15.79
CA VAL A 765 15.21 -22.68 -17.18
C VAL A 765 13.96 -22.24 -17.91
N SER A 766 12.81 -22.28 -17.24
CA SER A 766 11.59 -21.78 -17.87
C SER A 766 11.64 -20.27 -18.08
N ARG A 767 12.39 -19.55 -17.24
CA ARG A 767 12.59 -18.13 -17.46
C ARG A 767 13.82 -17.82 -18.30
N SER A 768 14.73 -18.77 -18.45
CA SER A 768 15.95 -18.52 -19.21
C SER A 768 15.64 -18.35 -20.69
N ASN A 769 16.59 -17.72 -21.41
CA ASN A 769 16.39 -17.40 -22.81
C ASN A 769 17.66 -17.57 -23.64
N ASP A 770 18.60 -18.40 -23.22
CA ASP A 770 19.78 -18.76 -24.01
C ASP A 770 19.87 -20.28 -24.09
N PRO A 771 19.16 -20.89 -25.03
CA PRO A 771 19.19 -22.35 -25.12
C PRO A 771 20.59 -22.94 -25.24
N GLN A 772 21.48 -22.29 -25.99
CA GLN A 772 22.82 -22.85 -26.16
C GLN A 772 23.60 -22.85 -24.85
N MET A 773 23.52 -21.76 -24.09
CA MET A 773 24.21 -21.72 -22.79
C MET A 773 23.70 -22.80 -21.85
N VAL A 774 22.37 -22.94 -21.76
CA VAL A 774 21.79 -23.94 -20.89
C VAL A 774 22.21 -25.34 -21.32
N ALA A 775 22.17 -25.61 -22.62
CA ALA A 775 22.54 -26.92 -23.12
C ALA A 775 24.02 -27.22 -22.90
N GLU A 776 24.87 -26.19 -22.97
CA GLU A 776 26.30 -26.40 -22.76
C GLU A 776 26.66 -26.61 -21.29
N ASN A 777 26.31 -25.66 -20.43
CA ASN A 777 26.83 -25.67 -19.07
C ASN A 777 25.93 -26.34 -18.04
N PHE A 778 24.61 -26.29 -18.20
CA PHE A 778 23.70 -26.73 -17.15
C PHE A 778 23.15 -28.14 -17.34
N VAL A 779 22.67 -28.47 -18.53
CA VAL A 779 21.97 -29.74 -18.72
C VAL A 779 22.80 -30.96 -18.35
N PRO A 780 24.05 -31.11 -18.81
CA PRO A 780 24.75 -32.39 -18.63
C PRO A 780 24.95 -32.76 -17.17
N PRO A 781 25.32 -31.80 -16.30
CA PRO A 781 25.40 -32.16 -14.87
C PRO A 781 24.05 -32.49 -14.28
N LEU A 782 23.00 -31.80 -14.72
CA LEU A 782 21.68 -32.09 -14.18
C LEU A 782 21.27 -33.51 -14.51
N LEU A 783 21.45 -33.89 -15.77
CA LEU A 783 21.01 -35.21 -16.20
C LEU A 783 21.83 -36.29 -15.54
N ASP A 784 23.14 -36.07 -15.41
CA ASP A 784 23.98 -37.01 -14.67
C ASP A 784 23.48 -37.20 -13.25
N ALA A 785 23.18 -36.11 -12.56
CA ALA A 785 22.76 -36.21 -11.17
C ALA A 785 21.39 -36.86 -11.04
N VAL A 786 20.48 -36.58 -11.95
CA VAL A 786 19.06 -36.85 -11.71
C VAL A 786 18.60 -38.17 -12.33
N LEU A 787 19.06 -38.54 -13.53
CA LEU A 787 18.37 -39.62 -14.22
C LEU A 787 18.63 -40.98 -13.59
N ILE A 788 19.88 -41.34 -13.37
CA ILE A 788 20.17 -42.65 -12.79
C ILE A 788 19.61 -42.75 -11.38
N ASP A 789 19.68 -41.65 -10.63
CA ASP A 789 18.99 -41.57 -9.34
C ASP A 789 17.52 -41.91 -9.47
N TYR A 790 16.83 -41.29 -10.43
CA TYR A 790 15.42 -41.59 -10.62
C TYR A 790 15.22 -43.07 -10.95
N GLN A 791 16.11 -43.63 -11.78
CA GLN A 791 15.94 -45.01 -12.20
C GLN A 791 16.03 -45.96 -11.01
N ARG A 792 17.15 -45.93 -10.28
CA ARG A 792 17.40 -46.96 -9.29
C ARG A 792 16.62 -46.78 -8.00
N ASN A 793 16.04 -45.61 -7.75
CA ASN A 793 15.30 -45.40 -6.51
C ASN A 793 14.03 -46.23 -6.48
N VAL A 794 13.64 -46.62 -5.27
CA VAL A 794 12.36 -47.26 -5.01
C VAL A 794 11.24 -46.27 -5.32
N PRO A 795 10.09 -46.73 -5.83
CA PRO A 795 9.10 -45.78 -6.37
C PRO A 795 8.76 -44.61 -5.46
N ALA A 796 8.64 -44.84 -4.15
CA ALA A 796 8.35 -43.73 -3.24
C ALA A 796 9.46 -42.70 -3.25
N ALA A 797 10.69 -43.11 -3.55
CA ALA A 797 11.83 -42.20 -3.63
C ALA A 797 12.02 -41.62 -5.02
N ARG A 798 10.96 -41.54 -5.82
CA ARG A 798 10.99 -40.88 -7.12
C ARG A 798 10.20 -39.57 -7.04
N GLU A 799 10.91 -38.45 -7.17
CA GLU A 799 10.27 -37.14 -7.15
C GLU A 799 9.64 -36.84 -8.50
N PRO A 800 8.34 -36.55 -8.57
CA PRO A 800 7.74 -36.19 -9.85
C PRO A 800 8.30 -34.90 -10.44
N GLU A 801 8.86 -34.02 -9.61
CA GLU A 801 9.52 -32.82 -10.11
C GLU A 801 10.67 -33.13 -11.07
N VAL A 802 11.22 -34.34 -11.05
CA VAL A 802 12.20 -34.71 -12.08
C VAL A 802 11.56 -34.69 -13.46
N LEU A 803 10.38 -35.29 -13.57
CA LEU A 803 9.66 -35.29 -14.84
C LEU A 803 9.33 -33.86 -15.28
N SER A 804 8.84 -33.05 -14.35
CA SER A 804 8.51 -31.67 -14.69
C SER A 804 9.75 -30.90 -15.15
N THR A 805 10.87 -31.06 -14.45
CA THR A 805 12.09 -30.38 -14.87
C THR A 805 12.54 -30.82 -16.25
N MET A 806 12.48 -32.13 -16.53
CA MET A 806 12.84 -32.59 -17.87
C MET A 806 11.90 -32.02 -18.92
N ALA A 807 10.60 -32.00 -18.63
CA ALA A 807 9.65 -31.41 -19.56
C ALA A 807 9.99 -29.96 -19.84
N ILE A 808 10.32 -29.18 -18.80
CA ILE A 808 10.63 -27.78 -19.00
C ILE A 808 11.90 -27.61 -19.83
N ILE A 809 12.93 -28.39 -19.51
CA ILE A 809 14.16 -28.31 -20.29
C ILE A 809 13.89 -28.59 -21.75
N VAL A 810 13.10 -29.63 -22.03
CA VAL A 810 12.80 -29.97 -23.41
C VAL A 810 12.00 -28.86 -24.09
N ASN A 811 10.99 -28.33 -23.39
CA ASN A 811 10.20 -27.24 -23.96
C ASN A 811 11.05 -26.02 -24.27
N LYS A 812 12.15 -25.83 -23.56
CA LYS A 812 13.02 -24.69 -23.86
C LYS A 812 14.08 -25.04 -24.91
N LEU A 813 14.87 -26.08 -24.64
CA LEU A 813 16.04 -26.41 -25.44
C LEU A 813 15.71 -27.34 -26.60
N GLY A 814 14.56 -27.13 -27.25
CA GLY A 814 14.19 -27.90 -28.41
C GLY A 814 15.30 -28.04 -29.42
N GLY A 815 15.51 -29.26 -29.90
CA GLY A 815 16.64 -29.59 -30.78
C GLY A 815 17.97 -29.73 -30.09
N HIS A 816 18.35 -28.75 -29.26
CA HIS A 816 19.64 -28.83 -28.58
C HIS A 816 19.67 -30.00 -27.61
N ILE A 817 18.54 -30.31 -26.99
CA ILE A 817 18.44 -31.43 -26.07
C ILE A 817 18.29 -32.76 -26.79
N THR A 818 18.01 -32.74 -28.09
CA THR A 818 17.55 -33.94 -28.78
C THR A 818 18.51 -35.11 -28.58
N ALA A 819 19.81 -34.84 -28.58
CA ALA A 819 20.78 -35.92 -28.37
C ALA A 819 20.63 -36.57 -27.01
N GLU A 820 20.03 -35.88 -26.04
CA GLU A 820 19.87 -36.42 -24.69
C GLU A 820 18.56 -37.19 -24.52
N ILE A 821 17.55 -36.92 -25.34
CA ILE A 821 16.25 -37.57 -25.24
C ILE A 821 16.36 -39.09 -25.14
N PRO A 822 17.22 -39.75 -25.90
CA PRO A 822 17.33 -41.22 -25.73
C PRO A 822 17.70 -41.63 -24.32
N GLN A 823 18.71 -41.02 -23.70
CA GLN A 823 19.07 -41.40 -22.35
C GLN A 823 18.01 -40.96 -21.35
N ILE A 824 17.32 -39.85 -21.61
CA ILE A 824 16.22 -39.43 -20.74
C ILE A 824 15.15 -40.50 -20.71
N PHE A 825 14.70 -40.95 -21.88
CA PHE A 825 13.65 -41.95 -21.90
C PHE A 825 14.15 -43.28 -21.36
N ASP A 826 15.37 -43.68 -21.71
CA ASP A 826 15.90 -44.95 -21.22
C ASP A 826 16.01 -44.96 -19.70
N ALA A 827 16.18 -43.80 -19.09
CA ALA A 827 16.22 -43.72 -17.63
C ALA A 827 14.83 -43.66 -17.01
N VAL A 828 13.96 -42.78 -17.50
CA VAL A 828 12.72 -42.50 -16.78
C VAL A 828 11.47 -43.20 -17.32
N PHE A 829 11.40 -43.42 -18.63
CA PHE A 829 10.16 -43.89 -19.25
C PHE A 829 9.61 -45.17 -18.63
N GLU A 830 10.33 -46.28 -18.79
CA GLU A 830 9.76 -47.56 -18.38
C GLU A 830 9.63 -47.65 -16.87
N CYS A 831 10.58 -47.08 -16.15
CA CYS A 831 10.49 -47.07 -14.69
C CYS A 831 9.22 -46.37 -14.22
N THR A 832 8.91 -45.20 -14.80
CA THR A 832 7.76 -44.44 -14.33
C THR A 832 6.44 -44.97 -14.86
N LEU A 833 6.41 -45.50 -16.08
CA LEU A 833 5.14 -45.92 -16.67
C LEU A 833 4.47 -47.02 -15.85
N ASN A 834 5.25 -47.98 -15.34
CA ASN A 834 4.67 -49.04 -14.55
C ASN A 834 4.22 -48.56 -13.17
N MET A 835 4.67 -47.40 -12.72
CA MET A 835 4.07 -46.76 -11.55
C MET A 835 2.73 -46.12 -11.86
N ILE A 836 2.47 -45.79 -13.11
CA ILE A 836 1.36 -44.94 -13.46
C ILE A 836 0.21 -45.70 -14.13
N ASN A 837 0.51 -46.73 -14.92
CA ASN A 837 -0.46 -47.36 -15.80
C ASN A 837 -1.44 -48.28 -15.08
N LYS A 838 -1.49 -48.26 -13.75
CA LYS A 838 -2.51 -48.99 -12.99
C LYS A 838 -3.52 -48.01 -12.39
N ASP A 839 -4.79 -48.24 -12.69
CA ASP A 839 -5.90 -47.54 -12.05
C ASP A 839 -5.68 -46.03 -12.02
N PHE A 840 -5.73 -45.44 -10.83
CA PHE A 840 -5.45 -44.02 -10.67
C PHE A 840 -5.07 -43.77 -9.21
N GLU A 841 -4.73 -42.52 -8.91
CA GLU A 841 -4.60 -42.01 -7.54
C GLU A 841 -3.38 -42.57 -6.81
N GLU A 842 -2.71 -43.57 -7.37
CA GLU A 842 -1.54 -44.12 -6.70
C GLU A 842 -0.27 -43.34 -6.96
N TYR A 843 -0.23 -42.54 -8.03
CA TYR A 843 0.87 -41.60 -8.25
C TYR A 843 0.41 -40.47 -9.16
N PRO A 844 -0.58 -39.65 -8.76
CA PRO A 844 -1.15 -38.70 -9.72
C PRO A 844 -0.16 -37.64 -10.17
N GLU A 845 0.78 -37.25 -9.31
CA GLU A 845 1.80 -36.28 -9.71
C GLU A 845 2.70 -36.85 -10.79
N HIS A 846 3.22 -38.06 -10.56
CA HIS A 846 4.08 -38.67 -11.56
C HIS A 846 3.32 -38.84 -12.88
N ARG A 847 2.05 -39.25 -12.81
CA ARG A 847 1.24 -39.35 -14.03
C ARG A 847 1.20 -38.02 -14.78
N THR A 848 0.85 -36.94 -14.08
CA THR A 848 0.66 -35.66 -14.74
C THR A 848 1.97 -35.18 -15.35
N ASN A 849 3.04 -35.19 -14.56
CA ASN A 849 4.32 -34.74 -15.08
C ASN A 849 4.83 -35.64 -16.19
N PHE A 850 4.48 -36.93 -16.14
CA PHE A 850 4.90 -37.83 -17.20
C PHE A 850 4.24 -37.47 -18.52
N PHE A 851 2.93 -37.26 -18.49
CA PHE A 851 2.27 -36.87 -19.74
C PHE A 851 2.72 -35.50 -20.21
N LEU A 852 3.06 -34.58 -19.31
CA LEU A 852 3.63 -33.31 -19.74
C LEU A 852 4.99 -33.51 -20.41
N LEU A 853 5.82 -34.37 -19.85
CA LEU A 853 7.09 -34.71 -20.48
C LEU A 853 6.86 -35.28 -21.87
N LEU A 854 5.93 -36.23 -21.96
CA LEU A 854 5.71 -36.92 -23.23
C LEU A 854 5.23 -35.95 -24.30
N GLN A 855 4.27 -35.10 -23.96
CA GLN A 855 3.79 -34.10 -24.92
C GLN A 855 4.90 -33.16 -25.34
N ALA A 856 5.69 -32.66 -24.39
CA ALA A 856 6.77 -31.75 -24.74
C ALA A 856 7.77 -32.41 -25.68
N VAL A 857 8.25 -33.59 -25.31
CA VAL A 857 9.24 -34.28 -26.13
C VAL A 857 8.67 -34.59 -27.50
N ASN A 858 7.41 -35.02 -27.57
CA ASN A 858 6.83 -35.29 -28.87
C ASN A 858 6.88 -34.05 -29.73
N SER A 859 6.39 -32.92 -29.20
CA SER A 859 6.18 -31.73 -30.01
C SER A 859 7.50 -31.14 -30.46
N HIS A 860 8.51 -31.10 -29.59
CA HIS A 860 9.75 -30.41 -29.94
C HIS A 860 10.81 -31.34 -30.52
N CYS A 861 10.76 -32.64 -30.23
CA CYS A 861 11.86 -33.54 -30.53
C CYS A 861 11.35 -34.85 -31.13
N PHE A 862 10.23 -34.79 -31.89
CA PHE A 862 9.74 -36.00 -32.56
C PHE A 862 10.84 -36.84 -33.18
N PRO A 863 11.88 -36.24 -33.79
CA PRO A 863 12.95 -37.07 -34.36
C PRO A 863 13.60 -38.03 -33.37
N ALA A 864 13.58 -37.71 -32.08
CA ALA A 864 14.16 -38.64 -31.11
C ALA A 864 13.35 -39.94 -31.05
N PHE A 865 12.05 -39.87 -31.30
CA PHE A 865 11.26 -41.09 -31.42
C PHE A 865 11.76 -41.97 -32.56
N LEU A 866 12.24 -41.36 -33.64
CA LEU A 866 12.80 -42.15 -34.73
C LEU A 866 14.17 -42.69 -34.36
N ALA A 867 14.95 -41.92 -33.59
CA ALA A 867 16.25 -42.38 -33.16
C ALA A 867 16.19 -43.34 -31.98
N ILE A 868 15.17 -43.23 -31.15
CA ILE A 868 14.98 -44.12 -30.00
C ILE A 868 14.84 -45.56 -30.47
N PRO A 869 15.32 -46.55 -29.71
CA PRO A 869 15.13 -47.95 -30.12
C PRO A 869 13.67 -48.31 -30.28
N PRO A 870 13.32 -49.09 -31.31
CA PRO A 870 11.91 -49.33 -31.62
C PRO A 870 11.08 -50.00 -30.54
N THR A 871 11.68 -50.85 -29.70
CA THR A 871 10.90 -51.45 -28.61
C THR A 871 10.32 -50.40 -27.67
N GLN A 872 11.15 -49.44 -27.25
CA GLN A 872 10.65 -48.46 -26.30
C GLN A 872 9.70 -47.49 -27.00
N PHE A 873 9.89 -47.26 -28.29
CA PHE A 873 8.93 -46.43 -29.04
C PHE A 873 7.58 -47.13 -29.11
N LYS A 874 7.59 -48.45 -29.29
CA LYS A 874 6.35 -49.22 -29.22
C LYS A 874 5.72 -49.06 -27.85
N LEU A 875 6.52 -49.15 -26.79
CA LEU A 875 6.01 -48.93 -25.45
C LEU A 875 5.40 -47.53 -25.32
N VAL A 876 6.02 -46.54 -25.94
CA VAL A 876 5.48 -45.18 -25.96
C VAL A 876 4.09 -45.18 -26.58
N LEU A 877 3.98 -45.77 -27.77
CA LEU A 877 2.68 -45.84 -28.43
C LEU A 877 1.65 -46.52 -27.54
N ASP A 878 2.04 -47.62 -26.90
CA ASP A 878 1.13 -48.34 -26.02
C ASP A 878 0.67 -47.45 -24.87
N SER A 879 1.59 -46.65 -24.32
CA SER A 879 1.24 -45.75 -23.24
C SER A 879 0.28 -44.68 -23.71
N ILE A 880 0.47 -44.17 -24.92
CA ILE A 880 -0.46 -43.18 -25.46
C ILE A 880 -1.83 -43.79 -25.65
N ILE A 881 -1.87 -45.02 -26.16
CA ILE A 881 -3.14 -45.72 -26.36
C ILE A 881 -3.87 -45.85 -25.04
N TRP A 882 -3.16 -46.31 -24.02
CA TRP A 882 -3.73 -46.36 -22.67
C TRP A 882 -4.21 -45.00 -22.20
N ALA A 883 -3.42 -43.95 -22.47
CA ALA A 883 -3.75 -42.62 -21.99
C ALA A 883 -5.06 -42.08 -22.55
N PHE A 884 -5.19 -42.02 -23.89
CA PHE A 884 -6.46 -41.43 -24.37
C PHE A 884 -7.63 -42.36 -24.13
N LYS A 885 -7.39 -43.66 -24.05
CA LYS A 885 -8.44 -44.59 -23.66
C LYS A 885 -8.84 -44.43 -22.21
N HIS A 886 -8.04 -43.72 -21.41
CA HIS A 886 -8.35 -43.58 -19.99
C HIS A 886 -9.68 -42.86 -19.81
N THR A 887 -10.33 -43.13 -18.69
CA THR A 887 -11.65 -42.56 -18.43
C THR A 887 -11.62 -41.08 -18.04
N MET A 888 -10.57 -40.64 -17.34
CA MET A 888 -10.54 -39.30 -16.79
C MET A 888 -10.30 -38.23 -17.85
N ARG A 889 -11.07 -37.15 -17.74
CA ARG A 889 -11.12 -36.12 -18.78
C ARG A 889 -9.74 -35.60 -19.15
N ASN A 890 -8.93 -35.23 -18.16
CA ASN A 890 -7.62 -34.67 -18.46
C ASN A 890 -6.69 -35.70 -19.08
N VAL A 891 -6.70 -36.92 -18.58
CA VAL A 891 -5.87 -37.98 -19.16
C VAL A 891 -6.30 -38.25 -20.60
N ALA A 892 -7.60 -38.35 -20.83
CA ALA A 892 -8.10 -38.57 -22.19
C ALA A 892 -7.70 -37.43 -23.12
N ASP A 893 -7.94 -36.19 -22.69
CA ASP A 893 -7.65 -35.03 -23.54
C ASP A 893 -6.17 -34.97 -23.89
N THR A 894 -5.29 -35.10 -22.89
CA THR A 894 -3.86 -35.09 -23.19
C THR A 894 -3.45 -36.26 -24.07
N GLY A 895 -4.07 -37.43 -23.89
CA GLY A 895 -3.84 -38.52 -24.81
C GLY A 895 -4.19 -38.18 -26.24
N LEU A 896 -5.38 -37.61 -26.45
CA LEU A 896 -5.77 -37.20 -27.80
C LEU A 896 -4.81 -36.17 -28.37
N GLN A 897 -4.41 -35.19 -27.56
CA GLN A 897 -3.51 -34.15 -28.06
C GLN A 897 -2.17 -34.74 -28.47
N ILE A 898 -1.62 -35.62 -27.63
CA ILE A 898 -0.34 -36.25 -27.97
C ILE A 898 -0.49 -37.09 -29.23
N LEU A 899 -1.59 -37.84 -29.34
CA LEU A 899 -1.81 -38.67 -30.51
C LEU A 899 -1.85 -37.84 -31.78
N PHE A 900 -2.67 -36.79 -31.78
CA PHE A 900 -2.77 -35.95 -32.98
C PHE A 900 -1.44 -35.29 -33.30
N THR A 901 -0.72 -34.80 -32.29
CA THR A 901 0.58 -34.21 -32.54
C THR A 901 1.52 -35.22 -33.20
N LEU A 902 1.56 -36.44 -32.67
CA LEU A 902 2.41 -37.48 -33.26
C LEU A 902 2.01 -37.77 -34.69
N LEU A 903 0.71 -37.89 -34.96
CA LEU A 903 0.26 -38.16 -36.33
C LEU A 903 0.60 -37.01 -37.28
N GLN A 904 0.55 -35.78 -36.80
CA GLN A 904 0.98 -34.65 -37.64
C GLN A 904 2.49 -34.69 -37.88
N ASN A 905 3.26 -35.05 -36.86
CA ASN A 905 4.71 -35.13 -37.03
C ASN A 905 5.08 -36.20 -38.05
N VAL A 906 4.50 -37.40 -37.91
CA VAL A 906 4.98 -38.56 -38.65
C VAL A 906 4.74 -38.41 -40.14
N ALA A 907 3.79 -37.57 -40.55
CA ALA A 907 3.61 -37.32 -41.98
C ALA A 907 4.77 -36.54 -42.57
N GLN A 908 5.49 -35.78 -41.76
CA GLN A 908 6.77 -35.23 -42.19
C GLN A 908 7.86 -36.26 -41.99
N GLU A 909 8.97 -36.07 -42.70
CA GLU A 909 10.09 -37.02 -42.67
C GLU A 909 9.59 -38.44 -42.92
N GLU A 910 9.08 -38.64 -44.13
CA GLU A 910 8.42 -39.89 -44.51
C GLU A 910 9.35 -41.09 -44.46
N ALA A 911 10.64 -40.89 -44.16
CA ALA A 911 11.54 -42.02 -44.02
C ALA A 911 11.13 -42.89 -42.83
N ALA A 912 10.97 -44.19 -43.08
CA ALA A 912 10.44 -45.16 -42.13
C ALA A 912 9.03 -44.82 -41.66
N ALA A 913 8.40 -43.80 -42.24
CA ALA A 913 6.99 -43.54 -41.96
C ALA A 913 6.10 -44.69 -42.43
N GLN A 914 6.46 -45.35 -43.52
CA GLN A 914 5.67 -46.48 -44.01
C GLN A 914 5.63 -47.61 -43.00
N SER A 915 6.78 -47.94 -42.40
CA SER A 915 6.79 -48.96 -41.35
C SER A 915 5.90 -48.55 -40.19
N PHE A 916 5.98 -47.29 -39.78
CA PHE A 916 5.11 -46.79 -38.72
C PHE A 916 3.64 -47.00 -39.08
N TYR A 917 3.24 -46.57 -40.28
CA TYR A 917 1.84 -46.67 -40.65
C TYR A 917 1.38 -48.12 -40.63
N GLN A 918 2.13 -48.99 -41.31
CA GLN A 918 1.78 -50.39 -41.40
C GLN A 918 1.75 -51.06 -40.04
N THR A 919 2.57 -50.58 -39.10
CA THR A 919 2.59 -51.19 -37.78
C THR A 919 1.38 -50.75 -36.95
N TYR A 920 1.09 -49.45 -36.93
CA TYR A 920 0.20 -48.93 -35.91
C TYR A 920 -1.21 -48.57 -36.36
N PHE A 921 -1.44 -48.26 -37.64
CA PHE A 921 -2.74 -47.69 -38.01
C PHE A 921 -3.92 -48.58 -37.62
N CYS A 922 -3.90 -49.86 -38.00
CA CYS A 922 -5.09 -50.65 -37.68
C CYS A 922 -5.33 -50.76 -36.18
N ASP A 923 -4.28 -50.75 -35.37
CA ASP A 923 -4.45 -50.79 -33.91
C ASP A 923 -4.99 -49.46 -33.37
N ILE A 924 -4.38 -48.35 -33.79
CA ILE A 924 -4.86 -47.03 -33.41
C ILE A 924 -6.31 -46.86 -33.83
N LEU A 925 -6.61 -47.22 -35.08
CA LEU A 925 -7.96 -47.09 -35.62
C LEU A 925 -8.94 -47.91 -34.81
N GLN A 926 -8.56 -49.14 -34.45
CA GLN A 926 -9.43 -49.96 -33.62
C GLN A 926 -9.73 -49.29 -32.29
N HIS A 927 -8.69 -48.78 -31.62
CA HIS A 927 -8.94 -48.15 -30.32
C HIS A 927 -9.77 -46.87 -30.43
N ILE A 928 -9.54 -46.08 -31.48
CA ILE A 928 -10.29 -44.84 -31.61
C ILE A 928 -11.76 -45.13 -31.91
N PHE A 929 -12.04 -46.07 -32.81
CA PHE A 929 -13.44 -46.45 -33.02
C PHE A 929 -14.05 -47.10 -31.79
N SER A 930 -13.25 -47.83 -31.01
CA SER A 930 -13.74 -48.38 -29.75
C SER A 930 -14.21 -47.28 -28.82
N VAL A 931 -13.36 -46.29 -28.56
CA VAL A 931 -13.73 -45.21 -27.65
C VAL A 931 -14.87 -44.36 -28.22
N VAL A 932 -14.91 -44.18 -29.54
CA VAL A 932 -16.01 -43.43 -30.14
C VAL A 932 -17.33 -44.15 -29.94
N THR A 933 -17.38 -45.45 -30.24
CA THR A 933 -18.64 -46.19 -30.10
C THR A 933 -19.02 -46.37 -28.63
N ASP A 934 -18.04 -46.45 -27.74
CA ASP A 934 -18.35 -46.43 -26.31
C ASP A 934 -18.90 -45.09 -25.88
N THR A 935 -18.52 -44.00 -26.56
CA THR A 935 -18.95 -42.65 -26.23
C THR A 935 -18.65 -42.28 -24.78
N SER A 936 -17.74 -43.01 -24.13
CA SER A 936 -17.37 -42.70 -22.75
C SER A 936 -17.27 -41.20 -22.53
N HIS A 937 -16.23 -40.57 -23.05
CA HIS A 937 -16.02 -39.14 -22.92
C HIS A 937 -16.36 -38.50 -24.26
N THR A 938 -17.65 -38.20 -24.44
CA THR A 938 -18.13 -37.47 -25.62
C THR A 938 -17.51 -36.09 -25.77
N ALA A 939 -16.95 -35.52 -24.70
CA ALA A 939 -16.25 -34.25 -24.82
C ALA A 939 -15.08 -34.31 -25.80
N GLY A 940 -14.59 -35.50 -26.11
CA GLY A 940 -13.56 -35.65 -27.11
C GLY A 940 -14.05 -35.77 -28.53
N LEU A 941 -15.37 -35.79 -28.74
CA LEU A 941 -15.92 -36.25 -30.01
C LEU A 941 -15.38 -35.43 -31.17
N THR A 942 -15.38 -34.11 -31.04
CA THR A 942 -14.86 -33.30 -32.14
C THR A 942 -13.39 -33.51 -32.35
N MET A 943 -12.64 -33.73 -31.27
CA MET A 943 -11.24 -34.07 -31.44
C MET A 943 -11.13 -35.43 -32.10
N HIS A 944 -11.95 -36.38 -31.66
CA HIS A 944 -12.01 -37.65 -32.36
C HIS A 944 -12.32 -37.43 -33.82
N ALA A 945 -13.38 -36.66 -34.10
CA ALA A 945 -13.73 -36.39 -35.48
C ALA A 945 -12.52 -35.85 -36.23
N SER A 946 -11.84 -34.87 -35.63
CA SER A 946 -10.72 -34.27 -36.35
C SER A 946 -9.68 -35.33 -36.66
N ILE A 947 -9.33 -36.13 -35.66
CA ILE A 947 -8.26 -37.10 -35.91
C ILE A 947 -8.78 -38.17 -36.84
N LEU A 948 -10.06 -38.52 -36.71
CA LEU A 948 -10.62 -39.49 -37.65
C LEU A 948 -10.50 -38.95 -39.06
N ALA A 949 -10.92 -37.70 -39.26
CA ALA A 949 -10.81 -37.10 -40.57
C ALA A 949 -9.38 -37.12 -41.07
N TYR A 950 -8.41 -36.88 -40.18
CA TYR A 950 -7.02 -36.89 -40.62
C TYR A 950 -6.65 -38.23 -41.26
N MET A 951 -6.93 -39.35 -40.59
CA MET A 951 -6.60 -40.60 -41.24
C MET A 951 -7.36 -40.77 -42.55
N PHE A 952 -8.63 -40.37 -42.57
CA PHE A 952 -9.38 -40.56 -43.81
C PHE A 952 -8.92 -39.60 -44.88
N ASN A 953 -8.26 -38.51 -44.50
CA ASN A 953 -7.49 -37.76 -45.49
C ASN A 953 -6.25 -38.54 -45.90
N LEU A 954 -5.42 -38.89 -44.92
CA LEU A 954 -4.14 -39.54 -45.19
C LEU A 954 -4.31 -40.75 -46.10
N VAL A 955 -5.31 -41.59 -45.81
CA VAL A 955 -5.53 -42.76 -46.65
C VAL A 955 -6.10 -42.37 -48.02
N GLU A 956 -6.98 -41.36 -48.05
CA GLU A 956 -7.58 -40.97 -49.32
C GLU A 956 -6.63 -40.14 -50.17
N GLU A 957 -5.70 -39.42 -49.55
CA GLU A 957 -4.59 -38.82 -50.30
C GLU A 957 -3.62 -39.84 -50.86
N GLY A 958 -3.71 -41.10 -50.42
CA GLY A 958 -2.76 -42.11 -50.85
C GLY A 958 -1.39 -41.99 -50.24
N LYS A 959 -1.26 -41.24 -49.14
CA LYS A 959 0.03 -41.11 -48.48
C LYS A 959 0.57 -42.47 -48.03
N ILE A 960 -0.32 -43.43 -47.78
CA ILE A 960 0.11 -44.78 -47.46
C ILE A 960 0.99 -45.34 -48.57
N SER A 961 0.68 -45.01 -49.81
CA SER A 961 1.48 -45.43 -50.97
C SER A 961 1.76 -46.94 -50.95
N THR A 962 0.92 -47.70 -50.24
CA THR A 962 1.26 -49.07 -49.90
C THR A 962 -0.01 -49.89 -49.78
N SER A 963 0.10 -51.18 -50.09
CA SER A 963 -0.94 -52.14 -49.73
C SER A 963 -0.91 -52.37 -48.23
N LEU A 964 -1.59 -51.51 -47.46
CA LEU A 964 -1.53 -51.58 -46.02
C LEU A 964 -2.15 -52.85 -45.47
N ASN A 965 -2.99 -53.52 -46.25
CA ASN A 965 -3.56 -54.78 -45.79
C ASN A 965 -2.43 -55.74 -45.44
N PRO A 966 -2.41 -56.30 -44.23
CA PRO A 966 -1.16 -56.90 -43.71
C PRO A 966 -0.61 -57.98 -44.64
N GLY A 967 0.58 -57.72 -45.17
CA GLY A 967 1.27 -58.70 -45.99
C GLY A 967 0.54 -59.12 -47.24
N ASN A 968 -0.36 -58.30 -47.75
CA ASN A 968 -1.31 -58.72 -48.78
C ASN A 968 -1.38 -57.69 -49.89
N PRO A 969 -1.80 -58.11 -51.10
CA PRO A 969 -1.68 -57.22 -52.27
C PRO A 969 -2.72 -56.13 -52.34
N VAL A 970 -3.90 -56.32 -51.72
CA VAL A 970 -4.99 -55.37 -51.91
C VAL A 970 -4.60 -54.00 -51.37
N ASN A 971 -4.93 -52.97 -52.14
CA ASN A 971 -4.45 -51.62 -51.83
C ASN A 971 -5.23 -51.03 -50.65
N ASN A 972 -4.69 -49.95 -50.11
CA ASN A 972 -5.38 -49.19 -49.07
C ASN A 972 -6.71 -48.63 -49.57
N GLN A 973 -7.48 -48.13 -48.60
CA GLN A 973 -8.85 -47.65 -48.75
C GLN A 973 -9.85 -48.77 -49.03
N ILE A 974 -9.54 -49.66 -49.97
CA ILE A 974 -10.46 -50.77 -50.21
C ILE A 974 -10.41 -51.75 -49.05
N PHE A 975 -9.25 -51.89 -48.42
CA PHE A 975 -9.16 -52.62 -47.16
C PHE A 975 -9.81 -51.86 -46.02
N LEU A 976 -9.46 -50.58 -45.86
CA LEU A 976 -9.91 -49.82 -44.69
C LEU A 976 -11.43 -49.76 -44.62
N GLN A 977 -12.10 -49.52 -45.74
CA GLN A 977 -13.57 -49.48 -45.71
C GLN A 977 -14.17 -50.81 -45.30
N GLU A 978 -13.47 -51.92 -45.58
CA GLU A 978 -13.90 -53.22 -45.08
C GLU A 978 -13.62 -53.35 -43.58
N TYR A 979 -12.45 -52.91 -43.15
CA TYR A 979 -12.09 -52.98 -41.74
C TYR A 979 -13.09 -52.19 -40.88
N VAL A 980 -13.41 -50.98 -41.32
CA VAL A 980 -14.41 -50.16 -40.61
C VAL A 980 -15.79 -50.79 -40.70
N ALA A 981 -16.14 -51.40 -41.82
CA ALA A 981 -17.42 -52.11 -41.88
C ALA A 981 -17.46 -53.24 -40.86
N ASN A 982 -16.37 -54.00 -40.75
CA ASN A 982 -16.29 -55.10 -39.80
C ASN A 982 -16.45 -54.60 -38.37
N LEU A 983 -15.67 -53.59 -37.98
CA LEU A 983 -15.74 -53.11 -36.61
C LEU A 983 -17.10 -52.49 -36.31
N LEU A 984 -17.70 -51.79 -37.28
CA LEU A 984 -18.99 -51.16 -37.03
C LEU A 984 -20.10 -52.21 -36.91
N LYS A 985 -20.07 -53.23 -37.77
CA LYS A 985 -21.07 -54.30 -37.70
C LYS A 985 -20.93 -55.10 -36.42
N SER A 986 -19.70 -55.38 -36.00
CA SER A 986 -19.52 -56.08 -34.73
C SER A 986 -19.87 -55.20 -33.55
N ALA A 987 -19.71 -53.88 -33.69
CA ALA A 987 -20.23 -52.96 -32.69
C ALA A 987 -21.75 -52.91 -32.73
N PHE A 988 -22.33 -52.79 -33.94
CA PHE A 988 -23.76 -52.60 -34.12
C PHE A 988 -24.26 -53.64 -35.12
N PRO A 989 -24.46 -54.88 -34.69
CA PRO A 989 -25.00 -55.89 -35.61
C PRO A 989 -26.37 -55.53 -36.15
N HIS A 990 -27.15 -54.76 -35.39
CA HIS A 990 -28.45 -54.27 -35.80
C HIS A 990 -28.40 -53.19 -36.86
N LEU A 991 -27.21 -52.75 -37.28
CA LEU A 991 -27.07 -51.69 -38.26
C LEU A 991 -26.78 -52.28 -39.62
N GLN A 992 -27.56 -51.88 -40.63
CA GLN A 992 -27.57 -52.57 -41.91
C GLN A 992 -26.33 -52.21 -42.72
N ASP A 993 -25.92 -53.15 -43.57
CA ASP A 993 -24.78 -52.93 -44.44
C ASP A 993 -24.96 -51.69 -45.33
N ALA A 994 -26.19 -51.42 -45.76
CA ALA A 994 -26.45 -50.18 -46.49
C ALA A 994 -26.11 -48.96 -45.66
N GLN A 995 -26.48 -48.97 -44.38
CA GLN A 995 -26.12 -47.86 -43.50
C GLN A 995 -24.60 -47.78 -43.31
N VAL A 996 -23.94 -48.92 -43.22
CA VAL A 996 -22.47 -48.93 -43.17
C VAL A 996 -21.89 -48.23 -44.41
N LYS A 997 -22.36 -48.63 -45.60
CA LYS A 997 -21.87 -48.02 -46.82
C LYS A 997 -22.11 -46.51 -46.84
N LEU A 998 -23.33 -46.09 -46.46
CA LEU A 998 -23.62 -44.67 -46.42
C LEU A 998 -22.69 -43.94 -45.45
N PHE A 999 -22.56 -44.46 -44.24
CA PHE A 999 -21.74 -43.82 -43.22
C PHE A 999 -20.30 -43.70 -43.67
N VAL A 1000 -19.71 -44.80 -44.14
CA VAL A 1000 -18.31 -44.77 -44.58
C VAL A 1000 -18.11 -43.87 -45.78
N THR A 1001 -19.10 -43.80 -46.69
CA THR A 1001 -19.01 -42.83 -47.79
C THR A 1001 -19.01 -41.41 -47.25
N GLY A 1002 -19.86 -41.12 -46.27
CA GLY A 1002 -19.81 -39.82 -45.64
C GLY A 1002 -18.43 -39.53 -45.07
N LEU A 1003 -17.87 -40.51 -44.36
CA LEU A 1003 -16.54 -40.35 -43.78
C LEU A 1003 -15.51 -40.00 -44.86
N PHE A 1004 -15.46 -40.77 -45.93
CA PHE A 1004 -14.49 -40.50 -47.00
C PHE A 1004 -14.91 -39.37 -47.93
N SER A 1005 -16.00 -38.69 -47.64
CA SER A 1005 -16.34 -37.45 -48.33
C SER A 1005 -16.03 -36.21 -47.50
N LEU A 1006 -16.28 -36.28 -46.19
CA LEU A 1006 -16.11 -35.16 -45.28
C LEU A 1006 -14.72 -35.12 -44.64
N ASN A 1007 -13.83 -36.04 -45.05
CA ASN A 1007 -12.50 -36.11 -44.46
C ASN A 1007 -11.73 -34.79 -44.49
N GLN A 1008 -12.04 -33.88 -45.42
CA GLN A 1008 -11.48 -32.53 -45.37
C GLN A 1008 -12.43 -31.52 -44.73
N ASP A 1009 -13.67 -31.89 -44.47
CA ASP A 1009 -14.71 -30.96 -44.03
C ASP A 1009 -14.94 -31.10 -42.53
N ILE A 1010 -13.90 -30.77 -41.77
CA ILE A 1010 -13.79 -31.16 -40.37
C ILE A 1010 -15.05 -30.80 -39.60
N PRO A 1011 -15.64 -29.60 -39.79
CA PRO A 1011 -16.91 -29.34 -39.08
C PRO A 1011 -18.04 -30.23 -39.56
N ALA A 1012 -18.12 -30.47 -40.87
CA ALA A 1012 -19.11 -31.39 -41.40
C ALA A 1012 -18.82 -32.82 -40.96
N PHE A 1013 -17.55 -33.21 -40.93
CA PHE A 1013 -17.18 -34.51 -40.41
C PHE A 1013 -17.64 -34.69 -38.97
N LYS A 1014 -17.42 -33.66 -38.14
CA LYS A 1014 -17.89 -33.70 -36.76
C LYS A 1014 -19.40 -33.82 -36.68
N GLU A 1015 -20.12 -33.04 -37.47
CA GLU A 1015 -21.58 -33.12 -37.43
C GLU A 1015 -22.08 -34.47 -37.90
N HIS A 1016 -21.43 -35.05 -38.92
CA HIS A 1016 -21.81 -36.37 -39.41
C HIS A 1016 -21.59 -37.43 -38.34
N LEU A 1017 -20.44 -37.39 -37.66
CA LEU A 1017 -20.20 -38.33 -36.57
C LEU A 1017 -21.21 -38.13 -35.45
N ARG A 1018 -21.44 -36.88 -35.05
CA ARG A 1018 -22.46 -36.58 -34.05
C ARG A 1018 -23.79 -37.21 -34.42
N ASP A 1019 -24.26 -36.99 -35.66
CA ASP A 1019 -25.54 -37.53 -36.09
C ASP A 1019 -25.55 -39.06 -36.01
N PHE A 1020 -24.49 -39.70 -36.50
CA PHE A 1020 -24.48 -41.16 -36.51
C PHE A 1020 -24.47 -41.74 -35.10
N LEU A 1021 -23.78 -41.09 -34.17
CA LEU A 1021 -23.83 -41.55 -32.79
C LEU A 1021 -25.18 -41.24 -32.15
N VAL A 1022 -25.75 -40.07 -32.46
CA VAL A 1022 -27.08 -39.75 -31.94
C VAL A 1022 -28.08 -40.81 -32.34
N GLN A 1023 -28.07 -41.21 -33.61
CA GLN A 1023 -28.99 -42.25 -34.05
C GLN A 1023 -28.65 -43.62 -33.48
N ILE A 1024 -27.39 -43.88 -33.11
CA ILE A 1024 -27.12 -45.11 -32.34
C ILE A 1024 -27.79 -45.03 -30.97
N LYS A 1025 -27.64 -43.90 -30.29
CA LYS A 1025 -28.31 -43.75 -28.99
C LYS A 1025 -29.82 -43.87 -29.13
N GLU A 1026 -30.38 -43.28 -30.18
CA GLU A 1026 -31.82 -43.39 -30.43
C GLU A 1026 -32.24 -44.84 -30.62
N PHE A 1027 -31.45 -45.63 -31.36
CA PHE A 1027 -31.73 -47.05 -31.43
C PHE A 1027 -31.70 -47.66 -30.04
N ALA A 1028 -30.68 -47.32 -29.25
CA ALA A 1028 -30.58 -47.84 -27.90
C ALA A 1028 -31.61 -47.22 -26.96
N GLY A 1029 -32.22 -46.10 -27.35
CA GLY A 1029 -33.06 -45.35 -26.44
C GLY A 1029 -32.32 -44.61 -25.37
N GLU A 1030 -31.01 -44.41 -25.53
CA GLU A 1030 -30.18 -43.76 -24.53
C GLU A 1030 -30.24 -42.24 -24.68
N ASP A 1031 -29.77 -41.54 -23.64
CA ASP A 1031 -29.71 -40.09 -23.68
C ASP A 1031 -28.80 -39.62 -24.81
N THR A 1032 -29.32 -38.74 -25.66
CA THR A 1032 -28.53 -38.10 -26.71
C THR A 1032 -27.92 -36.78 -26.28
N SER A 1033 -28.43 -36.14 -25.23
CA SER A 1033 -28.14 -34.72 -25.03
C SER A 1033 -26.71 -34.48 -24.56
N ASP A 1034 -26.10 -35.46 -23.89
CA ASP A 1034 -24.74 -35.26 -23.43
C ASP A 1034 -23.74 -35.27 -24.58
N LEU A 1035 -24.12 -35.85 -25.72
CA LEU A 1035 -23.28 -35.73 -26.91
C LEU A 1035 -23.06 -34.28 -27.26
N PHE A 1036 -23.98 -33.40 -26.87
CA PHE A 1036 -23.92 -32.00 -27.23
C PHE A 1036 -23.24 -31.16 -26.15
N LEU A 1037 -22.71 -31.77 -25.09
CA LEU A 1037 -22.09 -30.98 -24.02
C LEU A 1037 -21.02 -30.05 -24.58
N GLU A 1038 -20.19 -30.57 -25.50
CA GLU A 1038 -19.09 -29.79 -26.03
C GLU A 1038 -19.57 -28.51 -26.69
N GLU A 1039 -20.82 -28.47 -27.15
CA GLU A 1039 -21.35 -27.24 -27.69
C GLU A 1039 -21.74 -26.26 -26.59
N ARG A 1040 -22.61 -26.70 -25.67
CA ARG A 1040 -23.10 -25.75 -24.68
C ARG A 1040 -22.02 -25.28 -23.72
N GLU A 1041 -21.02 -26.10 -23.43
CA GLU A 1041 -19.90 -25.61 -22.64
C GLU A 1041 -19.28 -24.39 -23.31
N ILE A 1042 -19.07 -24.45 -24.63
CA ILE A 1042 -18.47 -23.31 -25.30
C ILE A 1042 -19.41 -22.13 -25.23
N ALA A 1043 -20.72 -22.38 -25.38
CA ALA A 1043 -21.66 -21.28 -25.28
C ALA A 1043 -21.59 -20.67 -23.90
N LEU A 1044 -21.52 -21.50 -22.87
CA LEU A 1044 -21.37 -20.96 -21.52
C LEU A 1044 -20.09 -20.16 -21.41
N ARG A 1045 -18.99 -20.70 -21.92
CA ARG A 1045 -17.73 -19.96 -21.85
C ARG A 1045 -17.88 -18.64 -22.57
N GLN A 1046 -18.58 -18.63 -23.71
CA GLN A 1046 -18.73 -17.38 -24.44
C GLN A 1046 -19.42 -16.34 -23.58
N ALA A 1047 -20.49 -16.73 -22.88
CA ALA A 1047 -21.17 -15.76 -22.04
C ALA A 1047 -20.23 -15.28 -20.95
N ASP A 1048 -19.47 -16.18 -20.37
CA ASP A 1048 -18.56 -15.77 -19.31
C ASP A 1048 -17.54 -14.78 -19.85
N GLU A 1049 -16.98 -15.07 -21.02
CA GLU A 1049 -16.00 -14.13 -21.54
C GLU A 1049 -16.64 -12.79 -21.87
N GLU A 1050 -17.90 -12.80 -22.30
CA GLU A 1050 -18.54 -11.52 -22.55
C GLU A 1050 -18.70 -10.75 -21.26
N LYS A 1051 -19.10 -11.43 -20.19
CA LYS A 1051 -19.15 -10.77 -18.90
C LYS A 1051 -17.78 -10.20 -18.56
N HIS A 1052 -16.75 -11.03 -18.69
CA HIS A 1052 -15.41 -10.56 -18.41
C HIS A 1052 -15.08 -9.36 -19.28
N LYS A 1053 -15.32 -9.49 -20.59
CA LYS A 1053 -15.01 -8.39 -21.50
C LYS A 1053 -15.78 -7.13 -21.12
N ARG A 1054 -16.99 -7.30 -20.60
CA ARG A 1054 -17.74 -6.15 -20.13
C ARG A 1054 -17.04 -5.46 -18.95
N GLN A 1055 -16.61 -6.24 -17.96
CA GLN A 1055 -16.04 -5.64 -16.76
C GLN A 1055 -14.82 -4.78 -17.03
N MET A 1056 -14.00 -5.15 -18.03
CA MET A 1056 -12.85 -4.32 -18.37
C MET A 1056 -13.22 -2.92 -18.83
N SER A 1057 -14.48 -2.68 -19.22
CA SER A 1057 -14.88 -1.34 -19.63
C SER A 1057 -15.05 -0.38 -18.45
N VAL A 1058 -15.11 -0.88 -17.22
CA VAL A 1058 -15.41 -0.05 -16.06
C VAL A 1058 -14.19 -0.03 -15.15
N PRO A 1059 -13.57 1.13 -14.91
CA PRO A 1059 -12.40 1.17 -14.03
C PRO A 1059 -12.74 0.76 -12.60
N GLY A 1060 -11.87 -0.05 -12.00
CA GLY A 1060 -11.98 -0.41 -10.61
C GLY A 1060 -12.73 -1.69 -10.31
N ILE A 1061 -13.39 -2.29 -11.29
CA ILE A 1061 -13.97 -3.61 -11.08
C ILE A 1061 -12.90 -4.67 -10.93
N PHE A 1062 -11.87 -4.62 -11.77
CA PHE A 1062 -10.71 -5.47 -11.60
C PHE A 1062 -9.72 -4.84 -10.64
N ASN A 1063 -9.07 -5.69 -9.83
CA ASN A 1063 -8.08 -5.22 -8.89
C ASN A 1063 -6.88 -4.64 -9.64
N PRO A 1064 -6.19 -3.64 -9.06
CA PRO A 1064 -4.99 -3.10 -9.71
C PRO A 1064 -3.92 -4.14 -10.01
N ALA B 63 -35.75 22.60 24.73
CA ALA B 63 -34.90 21.43 24.96
C ALA B 63 -33.78 21.77 25.94
N GLU B 64 -33.29 20.75 26.64
CA GLU B 64 -32.13 20.90 27.52
C GLU B 64 -30.87 20.90 26.66
N VAL B 65 -30.62 22.06 26.03
CA VAL B 65 -29.56 22.14 25.03
C VAL B 65 -28.22 21.71 25.61
N ASN B 66 -28.00 21.96 26.90
CA ASN B 66 -26.77 21.53 27.54
C ASN B 66 -26.81 20.08 28.01
N ALA B 67 -27.91 19.36 27.76
CA ALA B 67 -27.99 17.97 28.20
C ALA B 67 -27.07 17.10 27.38
N LEU B 68 -26.30 16.26 28.05
CA LEU B 68 -25.52 15.23 27.36
C LEU B 68 -26.42 14.09 26.91
N ASP B 69 -26.20 13.62 25.68
CA ASP B 69 -26.82 12.39 25.20
C ASP B 69 -26.09 11.18 25.78
N GLY B 70 -26.45 9.99 25.31
CA GLY B 70 -25.83 8.77 25.82
C GLY B 70 -24.39 8.59 25.38
N TYR B 71 -24.00 9.17 24.25
CA TYR B 71 -22.60 9.28 23.91
C TYR B 71 -21.87 10.29 24.76
N ASN B 72 -22.59 11.05 25.58
CA ASN B 72 -22.06 12.12 26.43
C ASN B 72 -21.39 13.21 25.61
N ARG B 73 -22.04 13.60 24.52
CA ARG B 73 -21.67 14.76 23.73
C ARG B 73 -22.85 15.71 23.69
N THR B 74 -22.57 17.01 23.66
CA THR B 74 -23.63 17.98 23.53
C THR B 74 -24.04 18.13 22.06
N ALA B 75 -25.28 18.57 21.86
CA ALA B 75 -25.73 18.86 20.50
C ALA B 75 -24.81 19.86 19.81
N LEU B 76 -24.22 20.77 20.56
CA LEU B 76 -23.29 21.73 19.99
C LEU B 76 -22.05 21.05 19.43
N HIS B 77 -21.66 19.90 19.99
CA HIS B 77 -20.57 19.14 19.39
C HIS B 77 -20.92 18.63 18.00
N TYR B 78 -22.20 18.35 17.75
CA TYR B 78 -22.63 17.97 16.41
C TYR B 78 -22.72 19.17 15.49
N ALA B 79 -23.34 20.24 15.97
CA ALA B 79 -23.44 21.44 15.14
C ALA B 79 -22.07 21.92 14.72
N ALA B 80 -21.10 21.94 15.63
CA ALA B 80 -19.76 22.37 15.28
C ALA B 80 -19.13 21.47 14.22
N GLU B 81 -19.62 20.24 14.07
CA GLU B 81 -19.14 19.35 13.02
C GLU B 81 -19.91 19.48 11.71
N LYS B 82 -21.11 20.04 11.73
CA LYS B 82 -21.87 20.09 10.49
C LYS B 82 -21.83 21.46 9.82
N ASP B 83 -22.40 22.49 10.45
CA ASP B 83 -22.61 23.74 9.72
C ASP B 83 -22.77 24.88 10.71
N GLU B 84 -22.41 26.08 10.27
CA GLU B 84 -22.41 27.23 11.16
C GLU B 84 -23.82 27.68 11.51
N ALA B 85 -24.83 27.35 10.68
CA ALA B 85 -26.19 27.78 10.99
C ALA B 85 -26.71 27.09 12.25
N CYS B 86 -26.47 25.78 12.38
CA CYS B 86 -26.81 25.09 13.61
C CYS B 86 -26.04 25.65 14.79
N VAL B 87 -24.74 25.89 14.62
CA VAL B 87 -23.93 26.42 15.71
C VAL B 87 -24.50 27.75 16.19
N GLU B 88 -24.83 28.63 15.25
CA GLU B 88 -25.43 29.91 15.60
C GLU B 88 -26.77 29.72 16.32
N VAL B 89 -27.59 28.79 15.84
CA VAL B 89 -28.88 28.55 16.49
C VAL B 89 -28.66 28.12 17.94
N LEU B 90 -27.78 27.16 18.16
CA LEU B 90 -27.55 26.65 19.51
C LEU B 90 -26.91 27.70 20.42
N LEU B 91 -25.92 28.44 19.92
CA LEU B 91 -25.32 29.48 20.75
C LEU B 91 -26.32 30.57 21.09
N GLU B 92 -27.16 30.95 20.12
CA GLU B 92 -28.18 31.95 20.38
C GLU B 92 -29.18 31.47 21.43
N TYR B 93 -29.54 30.19 21.39
CA TYR B 93 -30.38 29.60 22.43
C TYR B 93 -29.58 29.20 23.67
N GLY B 94 -28.35 29.65 23.80
CA GLY B 94 -27.64 29.51 25.05
C GLY B 94 -27.02 28.15 25.29
N ALA B 95 -26.68 27.43 24.22
CA ALA B 95 -25.75 26.32 24.35
C ALA B 95 -24.43 26.82 24.94
N ASN B 96 -23.94 26.11 25.94
CA ASN B 96 -22.69 26.53 26.56
C ASN B 96 -21.56 26.34 25.56
N PRO B 97 -20.92 27.39 25.07
CA PRO B 97 -19.80 27.20 24.13
C PRO B 97 -18.61 26.50 24.76
N ASN B 98 -18.51 26.45 26.08
CA ASN B 98 -17.47 25.70 26.77
C ASN B 98 -17.89 24.29 27.11
N ALA B 99 -19.04 23.83 26.64
CA ALA B 99 -19.55 22.52 27.03
C ALA B 99 -18.51 21.44 26.79
N LEU B 100 -18.43 20.50 27.72
CA LEU B 100 -17.38 19.49 27.75
C LEU B 100 -17.98 18.12 27.47
N ASP B 101 -17.38 17.38 26.54
CA ASP B 101 -17.79 16.02 26.27
C ASP B 101 -17.10 15.05 27.23
N GLY B 102 -17.27 13.76 27.00
CA GLY B 102 -16.69 12.74 27.86
C GLY B 102 -15.18 12.76 27.96
N ASN B 103 -14.50 13.45 27.06
CA ASN B 103 -13.06 13.65 27.16
C ASN B 103 -12.73 15.10 27.51
N ARG B 104 -13.74 15.95 27.61
CA ARG B 104 -13.64 17.39 27.87
C ARG B 104 -13.63 18.18 26.56
N ASP B 105 -13.00 17.65 25.52
CA ASP B 105 -12.97 18.31 24.21
C ASP B 105 -14.19 19.19 24.01
N THR B 106 -14.00 20.48 23.76
CA THR B 106 -15.12 21.38 23.58
C THR B 106 -15.61 21.31 22.14
N PRO B 107 -16.77 21.89 21.85
CA PRO B 107 -17.17 22.04 20.44
C PRO B 107 -16.12 22.73 19.59
N LEU B 108 -15.34 23.63 20.18
CA LEU B 108 -14.33 24.34 19.41
C LEU B 108 -13.22 23.40 18.94
N HIS B 109 -12.83 22.43 19.76
CA HIS B 109 -11.86 21.44 19.30
C HIS B 109 -12.37 20.71 18.07
N TRP B 110 -13.65 20.30 18.08
CA TRP B 110 -14.19 19.57 16.94
C TRP B 110 -14.33 20.46 15.71
N ALA B 111 -14.78 21.69 15.89
CA ALA B 111 -14.86 22.61 14.75
C ALA B 111 -13.48 22.83 14.14
N ALA B 112 -12.45 22.99 14.97
CA ALA B 112 -11.10 23.14 14.43
C ALA B 112 -10.65 21.88 13.72
N PHE B 113 -10.93 20.72 14.30
CA PHE B 113 -10.48 19.46 13.71
C PHE B 113 -11.20 19.17 12.40
N LYS B 114 -12.51 19.45 12.34
CA LYS B 114 -13.23 19.40 11.07
C LYS B 114 -12.83 20.53 10.13
N ASN B 115 -12.00 21.47 10.57
CA ASN B 115 -11.65 22.66 9.79
C ASN B 115 -12.87 23.46 9.37
N ASN B 116 -13.94 23.44 10.17
CA ASN B 116 -15.14 24.21 9.84
C ASN B 116 -14.88 25.67 10.19
N ALA B 117 -14.15 26.34 9.29
CA ALA B 117 -13.61 27.66 9.58
C ALA B 117 -14.69 28.62 10.08
N GLU B 118 -15.84 28.65 9.38
CA GLU B 118 -16.89 29.57 9.80
C GLU B 118 -17.58 29.12 11.08
N CYS B 119 -17.60 27.81 11.36
CA CYS B 119 -18.08 27.36 12.66
C CYS B 119 -17.11 27.74 13.77
N VAL B 120 -15.80 27.58 13.54
CA VAL B 120 -14.82 28.02 14.52
C VAL B 120 -14.98 29.50 14.82
N ARG B 121 -15.16 30.31 13.78
CA ARG B 121 -15.47 31.72 14.00
C ARG B 121 -16.73 31.89 14.84
N ALA B 122 -17.84 31.27 14.42
CA ALA B 122 -19.09 31.49 15.12
C ALA B 122 -19.00 31.08 16.59
N LEU B 123 -18.16 30.10 16.91
CA LEU B 123 -17.95 29.74 18.31
C LEU B 123 -17.10 30.77 19.04
N LEU B 124 -15.94 31.11 18.49
CA LEU B 124 -15.05 32.04 19.18
C LEU B 124 -15.72 33.40 19.40
N GLU B 125 -16.40 33.90 18.37
CA GLU B 125 -17.13 35.16 18.45
C GLU B 125 -18.24 35.15 19.49
N SER B 126 -18.58 34.00 20.05
CA SER B 126 -19.60 33.92 21.10
C SER B 126 -19.01 33.49 22.44
N GLY B 127 -17.69 33.57 22.61
CA GLY B 127 -17.07 33.42 23.90
C GLY B 127 -16.56 32.03 24.23
N ALA B 128 -16.39 31.16 23.24
CA ALA B 128 -15.70 29.90 23.48
C ALA B 128 -14.28 30.15 23.95
N SER B 129 -13.83 29.35 24.89
CA SER B 129 -12.47 29.50 25.41
C SER B 129 -11.48 29.02 24.36
N VAL B 130 -10.79 29.97 23.73
CA VAL B 130 -9.88 29.64 22.63
C VAL B 130 -8.74 28.73 23.08
N ASN B 131 -8.41 28.73 24.37
CA ASN B 131 -7.39 27.84 24.90
C ASN B 131 -7.98 26.73 25.77
N ALA B 132 -9.23 26.34 25.50
CA ALA B 132 -9.81 25.22 26.22
C ALA B 132 -8.90 24.01 26.13
N LEU B 133 -8.84 23.23 27.21
CA LEU B 133 -7.98 22.05 27.27
C LEU B 133 -8.81 20.80 27.51
N ASP B 134 -8.45 19.72 26.82
CA ASP B 134 -8.97 18.40 27.08
C ASP B 134 -8.05 17.64 28.03
N TYR B 135 -8.40 16.38 28.32
CA TYR B 135 -7.56 15.59 29.21
C TYR B 135 -6.14 15.41 28.69
N ASN B 136 -5.92 15.55 27.39
CA ASN B 136 -4.57 15.54 26.87
C ASN B 136 -3.88 16.90 26.99
N ASN B 137 -4.64 17.94 27.34
CA ASN B 137 -4.17 19.32 27.22
C ASN B 137 -3.84 19.67 25.78
N ASP B 138 -4.67 19.21 24.85
CA ASP B 138 -4.68 19.75 23.50
C ASP B 138 -5.62 20.96 23.45
N THR B 139 -5.09 22.10 23.03
CA THR B 139 -5.93 23.22 22.64
C THR B 139 -6.54 22.97 21.27
N PRO B 140 -7.56 23.74 20.89
CA PRO B 140 -8.08 23.61 19.53
C PRO B 140 -7.06 23.85 18.45
N LEU B 141 -6.04 24.67 18.72
CA LEU B 141 -4.96 24.86 17.76
C LEU B 141 -4.10 23.60 17.63
N SER B 142 -3.89 22.87 18.72
CA SER B 142 -3.18 21.61 18.62
C SER B 142 -3.92 20.59 17.76
N TRP B 143 -5.23 20.75 17.57
CA TRP B 143 -5.99 19.89 16.68
C TRP B 143 -6.05 20.45 15.26
N ALA B 144 -6.20 21.76 15.10
CA ALA B 144 -6.10 22.35 13.78
C ALA B 144 -4.72 22.12 13.17
N ALA B 145 -3.67 22.27 13.96
CA ALA B 145 -2.32 22.16 13.42
C ALA B 145 -1.94 20.73 13.04
N MET B 146 -2.50 19.72 13.70
CA MET B 146 -2.13 18.35 13.34
C MET B 146 -2.57 18.02 11.92
N LYS B 147 -3.67 18.60 11.46
CA LYS B 147 -4.09 18.49 10.06
C LYS B 147 -3.53 19.60 9.18
N GLY B 148 -2.80 20.55 9.75
CA GLY B 148 -2.25 21.65 8.98
C GLY B 148 -3.28 22.52 8.30
N ASN B 149 -4.53 22.47 8.73
CA ASN B 149 -5.62 23.13 7.98
C ASN B 149 -5.56 24.63 8.23
N LEU B 150 -5.28 25.39 7.17
CA LEU B 150 -4.86 26.78 7.33
C LEU B 150 -5.97 27.69 7.84
N GLU B 151 -7.21 27.49 7.39
CA GLU B 151 -8.26 28.46 7.69
C GLU B 151 -8.52 28.55 9.19
N SER B 152 -8.62 27.41 9.85
CA SER B 152 -8.93 27.42 11.28
C SER B 152 -7.74 27.86 12.12
N VAL B 153 -6.52 27.51 11.71
CA VAL B 153 -5.33 28.03 12.39
C VAL B 153 -5.31 29.55 12.30
N SER B 154 -5.58 30.10 11.12
CA SER B 154 -5.60 31.55 10.97
C SER B 154 -6.68 32.20 11.83
N ILE B 155 -7.87 31.59 11.89
CA ILE B 155 -8.92 32.19 12.69
C ILE B 155 -8.57 32.12 14.17
N LEU B 156 -8.06 30.99 14.63
CA LEU B 156 -7.67 30.88 16.03
C LEU B 156 -6.59 31.88 16.39
N LEU B 157 -5.58 32.05 15.52
CA LEU B 157 -4.54 33.01 15.79
C LEU B 157 -5.06 34.45 15.77
N ASP B 158 -6.15 34.72 15.04
CA ASP B 158 -6.72 36.06 15.10
C ASP B 158 -7.45 36.31 16.42
N TYR B 159 -7.87 35.27 17.12
CA TYR B 159 -8.38 35.40 18.48
C TYR B 159 -7.31 35.21 19.54
N GLY B 160 -6.04 35.24 19.16
CA GLY B 160 -4.97 35.17 20.13
C GLY B 160 -4.77 33.80 20.74
N ALA B 161 -5.12 32.73 20.02
CA ALA B 161 -4.77 31.39 20.45
C ALA B 161 -3.28 31.28 20.70
N GLU B 162 -2.91 30.60 21.77
CA GLU B 162 -1.51 30.44 22.12
C GLU B 162 -0.88 29.35 21.27
N VAL B 163 0.30 29.62 20.72
CA VAL B 163 1.01 28.61 19.96
C VAL B 163 2.00 27.83 20.82
N ARG B 164 2.60 28.46 21.83
CA ARG B 164 3.48 27.75 22.77
C ARG B 164 2.63 27.01 23.81
N VAL B 165 1.99 25.95 23.36
CA VAL B 165 1.33 24.99 24.24
C VAL B 165 1.95 23.63 23.98
N ILE B 166 2.01 22.82 25.03
CA ILE B 166 2.53 21.45 24.93
C ILE B 166 1.53 20.51 25.58
N ASN B 167 1.07 19.52 24.83
CA ASN B 167 0.18 18.50 25.38
C ASN B 167 0.96 17.53 26.24
N LEU B 168 0.22 16.71 27.01
CA LEU B 168 0.86 15.83 27.97
C LEU B 168 1.77 14.81 27.30
N ILE B 169 1.51 14.48 26.03
CA ILE B 169 2.45 13.64 25.30
C ILE B 169 3.74 14.39 25.03
N GLY B 170 3.68 15.71 24.96
CA GLY B 170 4.84 16.53 24.69
C GLY B 170 4.90 17.16 23.30
N GLN B 171 3.79 17.27 22.60
CA GLN B 171 3.76 17.78 21.24
C GLN B 171 3.18 19.19 21.23
N THR B 172 3.88 20.11 20.58
CA THR B 172 3.33 21.42 20.26
C THR B 172 2.64 21.39 18.90
N PRO B 173 1.79 22.37 18.61
CA PRO B 173 1.17 22.41 17.27
C PRO B 173 2.17 22.42 16.14
N ILE B 174 3.29 23.13 16.30
CA ILE B 174 4.32 23.14 15.27
C ILE B 174 4.93 21.76 15.10
N SER B 175 5.19 21.06 16.21
CA SER B 175 5.73 19.70 16.09
C SER B 175 4.78 18.81 15.31
N ARG B 176 3.48 18.90 15.58
CA ARG B 176 2.51 18.09 14.87
C ARG B 176 2.44 18.45 13.39
N LEU B 177 2.64 19.73 13.06
CA LEU B 177 2.61 20.11 11.66
C LEU B 177 3.89 19.66 10.95
N VAL B 178 5.04 19.82 11.60
CA VAL B 178 6.29 19.33 11.02
C VAL B 178 6.21 17.84 10.78
N ALA B 179 5.61 17.10 11.72
CA ALA B 179 5.37 15.68 11.51
C ALA B 179 4.53 15.44 10.26
N LEU B 180 3.44 16.19 10.10
CA LEU B 180 2.61 16.01 8.90
C LEU B 180 3.40 16.32 7.63
N LEU B 181 4.26 17.33 7.66
CA LEU B 181 5.10 17.64 6.50
C LEU B 181 6.12 16.55 6.21
N VAL B 182 6.69 15.92 7.24
CA VAL B 182 7.63 14.84 7.00
C VAL B 182 6.99 13.66 6.31
N ARG B 183 5.68 13.46 6.49
CA ARG B 183 4.99 12.36 5.83
C ARG B 183 4.55 12.69 4.42
N GLY B 184 4.96 13.84 3.89
CA GLY B 184 4.78 14.11 2.48
C GLY B 184 3.34 14.26 2.03
N LEU B 185 2.40 14.36 2.96
CA LEU B 185 1.03 14.71 2.62
C LEU B 185 0.81 16.21 2.53
N GLY B 186 1.86 17.02 2.72
CA GLY B 186 1.70 18.46 2.74
C GLY B 186 1.57 19.08 1.36
N THR B 187 0.46 19.77 1.14
CA THR B 187 0.29 20.61 -0.04
C THR B 187 0.82 22.02 0.28
N GLU B 188 0.64 22.94 -0.65
CA GLU B 188 0.95 24.34 -0.37
C GLU B 188 0.16 24.88 0.81
N LYS B 189 -0.99 24.28 1.12
CA LYS B 189 -1.77 24.74 2.27
C LYS B 189 -1.06 24.44 3.58
N GLU B 190 -0.49 23.24 3.72
CA GLU B 190 0.31 22.94 4.89
C GLU B 190 1.55 23.80 4.98
N ASP B 191 2.20 24.08 3.85
CA ASP B 191 3.35 24.98 3.89
C ASP B 191 2.95 26.38 4.34
N SER B 192 1.82 26.88 3.86
CA SER B 192 1.33 28.18 4.33
C SER B 192 1.01 28.14 5.81
N CYS B 193 0.43 27.04 6.29
CA CYS B 193 0.11 26.92 7.70
C CYS B 193 1.38 26.91 8.55
N PHE B 194 2.39 26.17 8.12
CA PHE B 194 3.66 26.17 8.86
C PHE B 194 4.31 27.54 8.86
N GLU B 195 4.23 28.25 7.74
CA GLU B 195 4.75 29.63 7.73
C GLU B 195 3.99 30.50 8.71
N LEU B 196 2.66 30.41 8.70
CA LEU B 196 1.86 31.21 9.63
C LEU B 196 2.18 30.89 11.09
N LEU B 197 2.35 29.62 11.42
CA LEU B 197 2.72 29.25 12.78
C LEU B 197 4.12 29.72 13.14
N HIS B 198 5.06 29.64 12.21
CA HIS B 198 6.42 30.11 12.49
C HIS B 198 6.46 31.61 12.70
N ARG B 199 5.62 32.36 11.97
CA ARG B 199 5.47 33.79 12.27
C ARG B 199 4.81 34.02 13.63
N ALA B 200 3.75 33.27 13.93
CA ALA B 200 3.03 33.50 15.18
C ALA B 200 3.87 33.21 16.40
N VAL B 201 4.72 32.17 16.34
CA VAL B 201 5.46 31.74 17.51
C VAL B 201 6.68 32.60 17.79
N GLY B 202 7.11 33.40 16.83
CA GLY B 202 8.31 34.20 16.98
C GLY B 202 9.58 33.38 16.85
N HIS B 203 9.74 32.39 17.72
CA HIS B 203 10.83 31.43 17.59
C HIS B 203 10.38 30.10 18.18
N PHE B 204 10.93 29.02 17.64
CA PHE B 204 10.65 27.68 18.13
C PHE B 204 11.94 26.87 18.12
N GLU B 205 11.93 25.78 18.88
CA GLU B 205 13.04 24.85 18.93
C GLU B 205 12.53 23.44 18.73
N LEU B 206 13.27 22.65 17.94
CA LEU B 206 12.97 21.24 17.75
C LEU B 206 14.13 20.31 18.09
N ARG B 207 15.36 20.82 18.21
CA ARG B 207 16.44 19.96 18.66
C ARG B 207 16.14 19.47 20.07
N LYS B 208 16.08 18.15 20.21
CA LYS B 208 16.18 17.49 21.50
C LYS B 208 17.53 16.81 21.56
N ASN B 209 18.30 17.09 22.61
CA ASN B 209 19.69 16.66 22.69
C ASN B 209 20.42 17.02 21.40
N GLY B 210 20.21 18.26 20.95
CA GLY B 210 20.82 18.75 19.73
C GLY B 210 20.36 18.09 18.45
N THR B 211 19.31 17.27 18.49
CA THR B 211 18.99 16.37 17.39
C THR B 211 17.51 16.50 17.01
N MET B 212 17.24 16.58 15.70
CA MET B 212 15.88 16.62 15.22
C MET B 212 15.18 15.30 15.57
N PRO B 213 13.85 15.33 15.72
CA PRO B 213 13.13 14.07 15.95
C PRO B 213 13.35 13.09 14.80
N ARG B 214 13.43 11.80 15.15
CA ARG B 214 14.01 10.82 14.24
C ARG B 214 13.28 10.79 12.90
N GLU B 215 11.98 11.09 12.89
CA GLU B 215 11.24 11.12 11.64
C GLU B 215 11.72 12.24 10.73
N VAL B 216 11.99 13.42 11.29
CA VAL B 216 12.46 14.55 10.48
C VAL B 216 13.78 14.21 9.81
N ALA B 217 14.64 13.45 10.48
CA ALA B 217 15.92 13.07 9.89
C ALA B 217 15.77 12.23 8.63
N ARG B 218 14.59 11.70 8.36
CA ARG B 218 14.33 10.98 7.12
C ARG B 218 14.12 11.91 5.92
N ASP B 219 14.01 13.23 6.14
CA ASP B 219 13.70 14.18 5.07
C ASP B 219 14.75 15.28 5.07
N PRO B 220 15.88 15.06 4.39
CA PRO B 220 17.02 15.98 4.55
C PRO B 220 16.71 17.43 4.21
N GLN B 221 15.89 17.70 3.19
CA GLN B 221 15.59 19.08 2.84
C GLN B 221 14.80 19.76 3.95
N LEU B 222 13.83 19.05 4.50
CA LEU B 222 13.07 19.60 5.61
C LEU B 222 13.93 19.65 6.87
N CYS B 223 14.77 18.63 7.09
CA CYS B 223 15.63 18.64 8.26
C CYS B 223 16.57 19.85 8.25
N GLU B 224 17.19 20.13 7.11
CA GLU B 224 18.04 21.32 7.01
C GLU B 224 17.24 22.60 7.21
N LYS B 225 16.07 22.72 6.55
CA LYS B 225 15.27 23.93 6.74
C LYS B 225 14.96 24.15 8.21
N LEU B 226 14.44 23.13 8.89
CA LEU B 226 14.06 23.29 10.30
C LEU B 226 15.27 23.54 11.20
N THR B 227 16.38 22.86 10.98
CA THR B 227 17.54 23.10 11.83
C THR B 227 18.07 24.51 11.67
N VAL B 228 18.09 25.04 10.45
CA VAL B 228 18.52 26.43 10.28
C VAL B 228 17.51 27.38 10.92
N LEU B 229 16.21 27.12 10.76
CA LEU B 229 15.21 27.96 11.42
C LEU B 229 15.38 27.94 12.94
N CYS B 230 15.71 26.78 13.50
CA CYS B 230 15.93 26.69 14.94
C CYS B 230 17.19 27.43 15.38
N SER B 231 18.27 27.30 14.63
CA SER B 231 19.55 27.83 15.09
C SER B 231 19.66 29.35 14.92
N ALA B 232 18.65 30.00 14.35
CA ALA B 232 18.64 31.46 14.29
C ALA B 232 17.92 32.04 15.50
N PRO B 233 18.53 32.97 16.23
CA PRO B 233 17.86 33.53 17.41
C PRO B 233 16.56 34.28 17.10
N GLY B 234 16.25 34.52 15.83
CA GLY B 234 15.06 35.29 15.49
C GLY B 234 15.28 36.79 15.50
N THR B 235 14.61 37.48 14.59
CA THR B 235 14.70 38.93 14.52
C THR B 235 14.06 39.58 15.74
N LEU B 236 14.63 40.70 16.16
CA LEU B 236 14.05 41.48 17.25
C LEU B 236 12.65 41.97 16.91
N LYS B 237 12.40 42.23 15.63
CA LYS B 237 11.07 42.66 15.21
C LYS B 237 10.01 41.61 15.52
N THR B 238 10.29 40.34 15.24
CA THR B 238 9.28 39.32 15.49
C THR B 238 9.16 39.00 16.98
N LEU B 239 10.23 39.12 17.75
CA LEU B 239 10.13 38.97 19.19
C LEU B 239 9.27 40.07 19.80
N ALA B 240 9.42 41.30 19.31
CA ALA B 240 8.53 42.38 19.74
C ALA B 240 7.09 42.07 19.34
N ARG B 241 6.89 41.56 18.13
CA ARG B 241 5.54 41.22 17.70
C ARG B 241 4.93 40.19 18.64
N TYR B 242 5.69 39.17 19.01
CA TYR B 242 5.16 38.16 19.92
C TYR B 242 4.82 38.76 21.28
N ALA B 243 5.70 39.60 21.82
CA ALA B 243 5.40 40.20 23.12
C ALA B 243 4.15 41.07 23.06
N VAL B 244 3.95 41.79 21.96
CA VAL B 244 2.74 42.61 21.82
C VAL B 244 1.50 41.73 21.73
N ARG B 245 1.54 40.71 20.88
CA ARG B 245 0.40 39.80 20.78
C ARG B 245 0.09 39.17 22.12
N ARG B 246 1.13 38.72 22.83
CA ARG B 246 0.97 38.16 24.17
C ARG B 246 0.27 39.14 25.10
N SER B 247 0.64 40.42 25.02
CA SER B 247 0.01 41.40 25.90
C SER B 247 -1.43 41.67 25.52
N LEU B 248 -1.76 41.72 24.23
CA LEU B 248 -3.16 41.90 23.85
C LEU B 248 -4.03 40.76 24.37
N GLY B 249 -3.49 39.56 24.47
CA GLY B 249 -4.18 38.47 25.13
C GLY B 249 -5.40 37.97 24.38
N LEU B 250 -6.31 37.36 25.13
CA LEU B 250 -7.43 36.62 24.56
C LEU B 250 -8.55 37.59 24.17
N GLN B 251 -8.33 38.25 23.03
CA GLN B 251 -9.35 39.11 22.44
C GLN B 251 -9.11 39.15 20.94
N TYR B 252 -10.05 39.75 20.22
CA TYR B 252 -9.98 39.76 18.77
C TYR B 252 -8.86 40.70 18.32
N LEU B 253 -7.67 40.15 18.10
CA LEU B 253 -6.49 40.96 17.78
C LEU B 253 -6.70 41.93 16.62
N PRO B 254 -7.24 41.53 15.48
CA PRO B 254 -7.29 42.46 14.34
C PRO B 254 -8.30 43.58 14.52
N ASP B 255 -8.78 43.78 15.75
CA ASP B 255 -9.63 44.91 16.08
C ASP B 255 -9.04 45.63 17.29
N ALA B 256 -8.34 44.87 18.14
CA ALA B 256 -7.65 45.49 19.27
C ALA B 256 -6.43 46.26 18.81
N VAL B 257 -5.73 45.76 17.79
CA VAL B 257 -4.53 46.45 17.31
C VAL B 257 -4.86 47.77 16.63
N LYS B 258 -6.09 47.96 16.16
CA LYS B 258 -6.36 49.13 15.34
C LYS B 258 -6.19 50.42 16.13
N GLY B 259 -6.47 50.40 17.43
CA GLY B 259 -6.28 51.58 18.26
C GLY B 259 -4.87 51.86 18.67
N LEU B 260 -3.94 50.94 18.41
CA LEU B 260 -2.58 51.09 18.90
C LEU B 260 -1.86 52.24 18.18
N PRO B 261 -0.99 52.96 18.88
CA PRO B 261 -0.15 53.98 18.21
C PRO B 261 0.98 53.37 17.41
N LEU B 262 0.70 52.84 16.22
CA LEU B 262 1.71 52.22 15.39
C LEU B 262 1.50 52.62 13.93
N PRO B 263 2.57 52.63 13.14
CA PRO B 263 2.39 52.68 11.69
C PRO B 263 1.50 51.56 11.20
N ALA B 264 0.68 51.85 10.19
CA ALA B 264 -0.30 50.87 9.72
C ALA B 264 0.37 49.62 9.16
N SER B 265 1.57 49.75 8.60
CA SER B 265 2.30 48.57 8.17
C SER B 265 2.66 47.68 9.34
N LEU B 266 3.01 48.28 10.49
CA LEU B 266 3.25 47.48 11.68
C LEU B 266 1.95 46.96 12.28
N LYS B 267 0.87 47.74 12.20
CA LYS B 267 -0.43 47.21 12.59
C LYS B 267 -0.76 45.94 11.82
N GLU B 268 -0.45 45.91 10.53
CA GLU B 268 -0.68 44.69 9.75
C GLU B 268 0.33 43.60 10.09
N TYR B 269 1.58 43.99 10.36
CA TYR B 269 2.59 43.01 10.75
C TYR B 269 2.22 42.28 12.03
N LEU B 270 1.63 42.99 12.99
CA LEU B 270 1.22 42.34 14.23
C LEU B 270 0.21 41.23 13.97
N LEU B 271 -0.57 41.34 12.91
CA LEU B 271 -1.55 40.31 12.57
C LEU B 271 -0.95 39.18 11.75
N LEU B 272 0.37 39.09 11.66
CA LEU B 272 1.07 38.03 10.94
C LEU B 272 0.82 38.06 9.44
N LEU B 273 0.21 39.12 8.92
CA LEU B 273 -0.01 39.24 7.48
C LEU B 273 1.23 39.64 6.71
N GLU B 274 2.36 39.84 7.39
CA GLU B 274 3.59 40.27 6.72
C GLU B 274 4.81 39.62 7.36
N MET C 2 36.97 49.89 15.99
CA MET C 2 36.55 48.85 16.93
C MET C 2 35.16 49.10 17.51
N TYR C 3 35.02 50.13 18.34
CA TYR C 3 33.75 50.49 18.95
C TYR C 3 32.99 51.53 18.15
N VAL C 4 31.66 51.52 18.28
CA VAL C 4 30.79 52.49 17.64
C VAL C 4 29.81 53.03 18.68
N LYS C 5 29.54 54.34 18.57
CA LYS C 5 28.83 55.10 19.59
C LYS C 5 27.44 55.45 19.07
N LEU C 6 26.41 55.04 19.78
CA LEU C 6 25.02 55.32 19.42
C LEU C 6 24.46 56.30 20.43
N ILE C 7 23.78 57.35 19.95
CA ILE C 7 23.20 58.36 20.83
C ILE C 7 21.69 58.24 20.80
N SER C 8 21.10 58.17 21.99
CA SER C 8 19.65 58.17 22.16
C SER C 8 19.10 59.58 22.07
N SER C 9 17.78 59.67 21.92
CA SER C 9 17.15 60.98 21.83
C SER C 9 17.27 61.77 23.14
N ASP C 10 17.28 61.09 24.28
CA ASP C 10 17.55 61.74 25.56
C ASP C 10 19.04 61.80 25.88
N GLY C 11 19.89 61.60 24.88
CA GLY C 11 21.28 61.97 24.98
C GLY C 11 22.18 61.00 25.70
N HIS C 12 21.69 59.82 26.06
CA HIS C 12 22.58 58.76 26.50
C HIS C 12 23.43 58.28 25.32
N GLU C 13 24.64 57.82 25.64
CA GLU C 13 25.63 57.46 24.62
C GLU C 13 26.10 56.04 24.91
N PHE C 14 25.64 55.09 24.10
CA PHE C 14 25.92 53.68 24.28
C PHE C 14 27.04 53.29 23.34
N ILE C 15 28.10 52.70 23.89
CA ILE C 15 29.23 52.25 23.10
C ILE C 15 29.13 50.75 22.94
N VAL C 16 29.23 50.27 21.70
CA VAL C 16 29.08 48.85 21.41
C VAL C 16 30.18 48.42 20.46
N LYS C 17 30.45 47.13 20.44
CA LYS C 17 31.40 46.59 19.47
C LYS C 17 30.82 46.74 18.06
N ARG C 18 31.68 47.19 17.14
CA ARG C 18 31.25 47.40 15.76
C ARG C 18 30.67 46.12 15.15
N GLU C 19 31.35 44.98 15.37
CA GLU C 19 30.85 43.72 14.82
C GLU C 19 29.45 43.42 15.29
N HIS C 20 29.10 43.83 16.51
CA HIS C 20 27.73 43.69 16.98
C HIS C 20 26.82 44.69 16.31
N ALA C 21 27.25 45.95 16.21
CA ALA C 21 26.39 47.00 15.67
C ALA C 21 25.99 46.69 14.24
N LEU C 22 26.90 46.15 13.43
CA LEU C 22 26.53 45.76 12.07
C LEU C 22 25.44 44.70 12.01
N THR C 23 25.05 44.11 13.15
CA THR C 23 23.86 43.27 13.13
C THR C 23 22.65 44.06 12.61
N SER C 24 22.57 45.34 12.95
CA SER C 24 21.53 46.19 12.41
C SER C 24 21.81 46.50 10.94
N GLY C 25 20.82 46.20 10.09
CA GLY C 25 20.94 46.62 8.70
C GLY C 25 21.04 48.12 8.54
N THR C 26 20.24 48.86 9.32
CA THR C 26 20.29 50.32 9.23
C THR C 26 21.65 50.86 9.65
N ILE C 27 22.22 50.31 10.72
CA ILE C 27 23.58 50.69 11.09
C ILE C 27 24.55 50.40 9.95
N LYS C 28 24.41 49.21 9.35
CA LYS C 28 25.32 48.82 8.28
C LYS C 28 25.25 49.78 7.11
N ALA C 29 24.04 50.22 6.73
CA ALA C 29 23.93 51.22 5.68
C ALA C 29 24.49 52.55 6.14
N MET C 30 24.18 52.96 7.36
CA MET C 30 24.49 54.29 7.84
C MET C 30 25.95 54.45 8.23
N LEU C 31 26.65 53.36 8.49
CA LEU C 31 28.07 53.42 8.81
C LEU C 31 28.79 52.17 8.34
N ASN C 43 32.60 57.15 13.35
CA ASN C 43 32.24 56.00 14.17
C ASN C 43 31.18 56.38 15.20
N GLU C 44 30.31 57.32 14.84
CA GLU C 44 29.22 57.76 15.69
C GLU C 44 27.93 57.80 14.89
N VAL C 45 26.83 57.40 15.54
CA VAL C 45 25.49 57.48 14.98
C VAL C 45 24.59 58.13 16.01
N ASN C 46 23.75 59.05 15.56
CA ASN C 46 22.85 59.80 16.43
C ASN C 46 21.40 59.49 16.05
N PHE C 47 20.63 59.00 17.01
CA PHE C 47 19.24 58.66 16.82
C PHE C 47 18.37 59.76 17.42
N ARG C 48 17.54 60.38 16.60
CA ARG C 48 16.69 61.49 17.03
C ARG C 48 15.40 61.02 17.69
N GLU C 49 15.02 59.76 17.53
CA GLU C 49 13.66 59.32 17.80
C GLU C 49 13.54 58.14 18.75
N ILE C 50 14.64 57.56 19.20
CA ILE C 50 14.62 56.37 20.04
C ILE C 50 14.95 56.78 21.48
N PRO C 51 14.12 56.41 22.46
CA PRO C 51 14.47 56.70 23.85
C PRO C 51 15.45 55.69 24.43
N SER C 52 16.17 56.14 25.45
CA SER C 52 17.26 55.34 26.01
C SER C 52 16.79 53.97 26.49
N HIS C 53 15.61 53.89 27.10
CA HIS C 53 15.14 52.60 27.58
C HIS C 53 14.92 51.60 26.45
N VAL C 54 14.56 52.07 25.27
CA VAL C 54 14.45 51.17 24.12
C VAL C 54 15.82 50.83 23.56
N LEU C 55 16.64 51.85 23.30
CA LEU C 55 17.90 51.62 22.60
C LEU C 55 18.83 50.73 23.41
N SER C 56 18.83 50.88 24.74
CA SER C 56 19.61 49.97 25.57
C SER C 56 19.17 48.52 25.38
N LYS C 57 17.86 48.29 25.32
CA LYS C 57 17.36 46.94 25.06
C LYS C 57 17.78 46.47 23.68
N VAL C 58 17.78 47.37 22.69
CA VAL C 58 18.23 47.00 21.35
C VAL C 58 19.70 46.58 21.36
N CYS C 59 20.53 47.25 22.14
CA CYS C 59 21.93 46.83 22.22
C CYS C 59 22.08 45.52 22.98
N MET C 60 21.20 45.27 23.95
CA MET C 60 21.15 43.94 24.55
C MET C 60 20.80 42.90 23.49
N TYR C 61 19.84 43.23 22.62
CA TYR C 61 19.47 42.32 21.54
C TYR C 61 20.66 42.04 20.62
N PHE C 62 21.43 43.07 20.28
CA PHE C 62 22.62 42.83 19.45
C PHE C 62 23.56 41.86 20.13
N THR C 63 23.81 42.05 21.43
CA THR C 63 24.72 41.15 22.12
C THR C 63 24.18 39.73 22.15
N TYR C 64 22.88 39.59 22.40
CA TYR C 64 22.22 38.29 22.40
C TYR C 64 22.29 37.62 21.04
N LYS C 65 21.88 38.34 19.99
CA LYS C 65 21.90 37.79 18.63
C LYS C 65 23.29 37.32 18.23
N VAL C 66 24.33 38.06 18.62
CA VAL C 66 25.69 37.57 18.38
C VAL C 66 25.94 36.30 19.19
N ARG C 67 25.79 36.38 20.51
CA ARG C 67 26.21 35.28 21.37
C ARG C 67 25.45 33.98 21.14
N TYR C 68 24.27 34.04 20.51
CA TYR C 68 23.49 32.84 20.23
C TYR C 68 23.27 32.58 18.74
N THR C 69 23.99 33.28 17.86
CA THR C 69 23.86 32.98 16.44
C THR C 69 24.32 31.56 16.16
N ASN C 70 23.60 30.89 15.27
CA ASN C 70 23.86 29.50 14.85
C ASN C 70 24.11 28.60 16.07
N SER C 71 23.31 28.80 17.10
CA SER C 71 23.56 28.15 18.39
C SER C 71 23.31 26.66 18.29
N SER C 72 24.28 25.87 18.74
CA SER C 72 24.04 24.45 18.93
C SER C 72 23.09 24.19 20.09
N THR C 73 23.30 24.88 21.21
CA THR C 73 22.38 24.79 22.33
C THR C 73 21.06 25.48 22.04
N GLU C 74 20.05 25.15 22.83
CA GLU C 74 18.76 25.82 22.75
C GLU C 74 18.85 27.27 23.20
N ILE C 75 18.33 28.17 22.38
CA ILE C 75 18.50 29.61 22.61
C ILE C 75 17.54 30.04 23.72
N PRO C 76 18.00 30.76 24.75
CA PRO C 76 17.09 31.24 25.77
C PRO C 76 16.21 32.37 25.26
N GLU C 77 15.04 32.51 25.89
CA GLU C 77 14.08 33.52 25.48
C GLU C 77 14.61 34.93 25.76
N PHE C 78 14.39 35.82 24.82
CA PHE C 78 14.72 37.23 25.00
C PHE C 78 13.65 37.93 25.83
N PRO C 79 13.98 38.45 27.02
CA PRO C 79 12.94 39.03 27.89
C PRO C 79 12.56 40.44 27.45
N ILE C 80 11.29 40.62 27.08
CA ILE C 80 10.75 41.93 26.73
C ILE C 80 9.66 42.25 27.74
N ALA C 81 9.78 43.39 28.41
CA ALA C 81 8.69 43.87 29.24
C ALA C 81 7.56 44.40 28.37
N PRO C 82 6.30 44.06 28.67
CA PRO C 82 5.19 44.54 27.83
C PRO C 82 5.16 46.03 27.58
N GLU C 83 5.57 46.85 28.55
CA GLU C 83 5.52 48.30 28.36
C GLU C 83 6.47 48.74 27.26
N ILE C 84 7.69 48.21 27.24
CA ILE C 84 8.66 48.59 26.22
C ILE C 84 8.49 47.81 24.92
N ALA C 85 7.69 46.76 24.91
CA ALA C 85 7.47 45.99 23.69
C ALA C 85 6.99 46.86 22.53
N LEU C 86 6.01 47.73 22.80
CA LEU C 86 5.40 48.51 21.73
C LEU C 86 6.37 49.50 21.11
N GLU C 87 7.35 49.98 21.87
CA GLU C 87 8.33 50.91 21.32
C GLU C 87 9.55 50.20 20.76
N LEU C 88 9.89 49.05 21.34
CA LEU C 88 10.91 48.18 20.77
C LEU C 88 10.52 47.68 19.38
N LEU C 89 9.24 47.36 19.18
CA LEU C 89 8.80 46.95 17.85
C LEU C 89 9.12 48.00 16.80
N MET C 90 8.72 49.25 17.05
CA MET C 90 9.04 50.33 16.12
C MET C 90 10.54 50.49 15.96
N ALA C 91 11.29 50.48 17.06
CA ALA C 91 12.72 50.74 16.96
C ALA C 91 13.41 49.65 16.15
N ALA C 92 12.95 48.40 16.29
CA ALA C 92 13.49 47.32 15.47
C ALA C 92 13.05 47.41 14.03
N ASN C 93 11.86 47.97 13.78
CA ASN C 93 11.46 48.24 12.40
C ASN C 93 12.36 49.27 11.75
N PHE C 94 12.52 50.43 12.41
CA PHE C 94 13.37 51.48 11.86
C PHE C 94 14.81 51.02 11.71
N LEU C 95 15.34 50.29 12.68
CA LEU C 95 16.71 49.80 12.61
C LEU C 95 16.86 48.58 11.72
N ASP C 96 15.77 48.01 11.23
CA ASP C 96 15.82 46.85 10.35
C ASP C 96 16.66 45.73 10.96
N CYS C 97 16.17 45.21 12.08
CA CYS C 97 16.81 44.09 12.75
C CYS C 97 15.93 42.85 12.67
N MET D 1 33.32 30.93 32.78
CA MET D 1 32.41 31.09 31.62
C MET D 1 32.27 32.57 31.33
N ASP D 2 31.36 32.95 30.44
CA ASP D 2 31.29 34.33 30.01
C ASP D 2 30.63 35.20 31.08
N VAL D 3 30.84 36.50 30.95
CA VAL D 3 30.12 37.52 31.70
C VAL D 3 29.85 38.66 30.74
N PHE D 4 28.63 39.20 30.79
CA PHE D 4 28.25 40.33 29.97
C PHE D 4 27.86 41.49 30.87
N LEU D 5 28.48 42.64 30.65
CA LEU D 5 28.43 43.75 31.59
C LEU D 5 28.07 45.03 30.87
N MET D 6 27.38 45.90 31.61
CA MET D 6 27.17 47.29 31.23
C MET D 6 27.91 48.15 32.24
N ILE D 7 28.87 48.92 31.76
CA ILE D 7 29.59 49.89 32.58
C ILE D 7 28.95 51.25 32.34
N ARG D 8 28.61 51.95 33.39
CA ARG D 8 27.76 53.12 33.27
C ARG D 8 28.33 54.28 34.06
N ARG D 9 28.26 55.48 33.48
CA ARG D 9 28.73 56.69 34.14
C ARG D 9 28.00 57.87 33.54
N HIS D 10 27.29 58.62 34.37
CA HIS D 10 26.46 59.72 33.89
C HIS D 10 25.58 59.31 32.72
N LYS D 11 25.82 59.86 31.53
CA LYS D 11 25.05 59.50 30.34
C LYS D 11 25.62 58.31 29.58
N THR D 12 26.86 57.92 29.85
CA THR D 12 27.58 56.93 29.06
C THR D 12 27.29 55.52 29.54
N THR D 13 27.36 54.58 28.60
CA THR D 13 27.19 53.16 28.89
C THR D 13 27.96 52.33 27.86
N ILE D 14 28.86 51.49 28.37
CA ILE D 14 29.68 50.60 27.56
C ILE D 14 29.17 49.17 27.77
N PHE D 15 28.83 48.51 26.67
CA PHE D 15 28.61 47.07 26.67
C PHE D 15 29.94 46.35 26.51
N THR D 16 30.14 45.28 27.28
CA THR D 16 31.38 44.52 27.14
C THR D 16 31.18 43.11 27.67
N ASP D 17 32.14 42.24 27.34
CA ASP D 17 32.16 40.85 27.79
C ASP D 17 33.54 40.48 28.33
N ALA D 18 33.55 39.56 29.28
CA ALA D 18 34.80 39.13 29.92
C ALA D 18 34.66 37.71 30.42
N LYS D 19 35.80 37.06 30.68
CA LYS D 19 35.78 35.75 31.32
C LYS D 19 35.54 35.93 32.82
N GLU D 20 34.79 34.99 33.41
CA GLU D 20 34.60 35.02 34.86
C GLU D 20 35.92 34.95 35.62
N SER D 21 36.89 34.21 35.09
CA SER D 21 38.22 34.12 35.69
C SER D 21 39.06 35.36 35.46
N SER D 22 38.66 36.24 34.55
CA SER D 22 39.37 37.49 34.40
C SER D 22 39.19 38.36 35.65
N THR D 23 39.91 39.47 35.68
CA THR D 23 39.89 40.40 36.79
C THR D 23 39.42 41.78 36.35
N VAL D 24 38.95 42.54 37.35
CA VAL D 24 38.55 43.92 37.13
C VAL D 24 39.65 44.78 36.55
N PHE D 25 40.91 44.39 36.70
CA PHE D 25 41.99 45.22 36.16
C PHE D 25 41.97 45.29 34.64
N GLU D 26 41.82 44.15 33.98
CA GLU D 26 41.67 44.19 32.53
C GLU D 26 40.33 44.77 32.09
N LEU D 27 39.29 44.72 32.92
CA LEU D 27 38.09 45.50 32.62
C LEU D 27 38.40 46.99 32.62
N LYS D 28 39.19 47.46 33.58
CA LYS D 28 39.70 48.82 33.55
C LYS D 28 40.54 49.07 32.31
N ARG D 29 41.32 48.07 31.88
CA ARG D 29 42.11 48.22 30.66
C ARG D 29 41.21 48.42 29.45
N ILE D 30 40.07 47.71 29.42
CA ILE D 30 39.08 47.95 28.38
C ILE D 30 38.56 49.38 28.47
N VAL D 31 38.24 49.82 29.68
CA VAL D 31 37.80 51.20 29.86
C VAL D 31 38.85 52.15 29.32
N GLU D 32 40.12 51.82 29.53
CA GLU D 32 41.21 52.60 28.97
C GLU D 32 41.12 52.64 27.45
N GLY D 33 40.94 51.47 26.83
CA GLY D 33 40.83 51.43 25.38
C GLY D 33 39.73 52.32 24.84
N ILE D 34 38.61 52.42 25.56
CA ILE D 34 37.49 53.23 25.07
C ILE D 34 37.68 54.71 25.42
N LEU D 35 37.89 55.02 26.69
CA LEU D 35 37.84 56.39 27.17
C LEU D 35 39.21 56.99 27.50
N LYS D 36 40.30 56.21 27.41
CA LYS D 36 41.64 56.77 27.59
C LYS D 36 41.82 57.39 28.98
N ARG D 37 41.14 56.85 29.99
CA ARG D 37 41.33 57.30 31.36
C ARG D 37 42.22 56.33 32.13
N PRO D 38 43.39 56.76 32.60
CA PRO D 38 44.34 55.83 33.22
C PRO D 38 43.71 55.04 34.35
N PRO D 39 44.11 53.78 34.54
CA PRO D 39 43.41 52.90 35.50
C PRO D 39 43.30 53.48 36.89
N ASP D 40 44.33 54.19 37.36
CA ASP D 40 44.31 54.71 38.72
C ASP D 40 43.26 55.79 38.94
N GLU D 41 42.84 56.51 37.89
CA GLU D 41 41.83 57.55 38.07
C GLU D 41 40.43 57.09 37.68
N GLN D 42 40.16 55.78 37.67
CA GLN D 42 38.81 55.26 37.47
C GLN D 42 38.55 54.25 38.57
N ARG D 43 37.37 54.33 39.18
CA ARG D 43 36.93 53.34 40.14
C ARG D 43 35.59 52.76 39.71
N LEU D 44 35.37 51.51 40.09
CA LEU D 44 34.25 50.71 39.61
C LEU D 44 33.49 50.14 40.79
N TYR D 45 32.17 50.06 40.65
CA TYR D 45 31.28 49.71 41.74
C TYR D 45 30.35 48.58 41.32
N LYS D 46 30.21 47.61 42.21
CA LYS D 46 29.23 46.54 42.09
C LYS D 46 28.12 46.92 43.06
N ASP D 47 26.94 47.25 42.52
CA ASP D 47 25.89 47.80 43.35
C ASP D 47 26.46 49.08 43.94
N ASP D 48 25.92 49.56 45.07
CA ASP D 48 26.55 50.70 45.72
C ASP D 48 27.73 50.22 46.57
N GLN D 49 28.64 49.46 45.95
CA GLN D 49 29.76 48.86 46.66
C GLN D 49 30.97 48.83 45.74
N LEU D 50 32.12 49.30 46.24
CA LEU D 50 33.30 49.44 45.41
C LEU D 50 34.10 48.15 45.43
N LEU D 51 35.10 48.05 44.55
CA LEU D 51 35.86 46.81 44.43
C LEU D 51 37.36 47.05 44.41
N ASP D 52 38.12 45.97 44.17
CA ASP D 52 39.57 46.00 44.04
C ASP D 52 39.93 45.47 42.67
N ASP D 53 40.74 46.22 41.92
CA ASP D 53 41.04 45.83 40.55
C ASP D 53 41.48 44.36 40.46
N GLY D 54 42.32 43.92 41.41
CA GLY D 54 42.86 42.56 41.32
C GLY D 54 41.84 41.44 41.37
N LYS D 55 40.79 41.59 42.21
CA LYS D 55 39.84 40.50 42.37
C LYS D 55 39.31 40.01 41.03
N THR D 56 39.21 38.70 40.89
CA THR D 56 38.60 38.13 39.69
C THR D 56 37.08 38.34 39.69
N LEU D 57 36.56 38.66 38.51
CA LEU D 57 35.13 38.88 38.35
C LEU D 57 34.29 37.80 39.01
N GLY D 58 34.78 36.56 39.03
CA GLY D 58 34.06 35.51 39.74
C GLY D 58 33.80 35.84 41.20
N GLU D 59 34.82 36.28 41.91
CA GLU D 59 34.67 36.65 43.32
C GLU D 59 34.00 38.01 43.50
N CYS D 60 33.86 38.79 42.43
CA CYS D 60 33.00 39.97 42.48
C CYS D 60 31.52 39.63 42.45
N GLY D 61 31.16 38.36 42.31
CA GLY D 61 29.78 37.94 42.27
C GLY D 61 29.18 37.93 40.88
N PHE D 62 29.96 38.23 39.85
CA PHE D 62 29.53 37.99 38.48
C PHE D 62 29.63 36.51 38.16
N THR D 63 28.65 36.02 37.42
CA THR D 63 28.57 34.60 37.07
C THR D 63 27.76 34.49 35.78
N SER D 64 28.06 33.46 35.00
CA SER D 64 27.45 33.34 33.68
C SER D 64 25.94 33.43 33.78
N GLN D 65 25.33 32.66 34.68
CA GLN D 65 23.88 32.72 34.85
C GLN D 65 23.44 34.06 35.42
N THR D 66 24.34 34.80 36.08
CA THR D 66 24.01 36.13 36.58
C THR D 66 24.03 37.17 35.47
N ALA D 67 24.89 37.00 34.47
CA ALA D 67 25.23 38.07 33.55
C ALA D 67 24.93 37.70 32.11
N ARG D 68 23.69 37.32 31.83
CA ARG D 68 23.34 36.89 30.49
C ARG D 68 23.49 38.05 29.51
N PRO D 69 23.71 37.77 28.23
CA PRO D 69 23.68 38.85 27.23
C PRO D 69 22.41 39.66 27.29
N GLN D 70 21.27 39.00 27.44
CA GLN D 70 19.98 39.68 27.47
C GLN D 70 19.67 40.32 28.82
N ALA D 71 20.59 40.28 29.78
CA ALA D 71 20.42 41.02 31.02
C ALA D 71 21.76 41.20 31.72
N PRO D 72 22.63 42.08 31.22
CA PRO D 72 23.98 42.19 31.77
C PRO D 72 23.97 42.71 33.20
N ALA D 73 25.04 42.38 33.92
CA ALA D 73 25.27 42.99 35.23
C ALA D 73 25.70 44.45 35.06
N THR D 74 25.03 45.34 35.79
CA THR D 74 25.39 46.75 35.77
C THR D 74 26.57 47.01 36.69
N VAL D 75 27.56 47.75 36.19
CA VAL D 75 28.71 48.19 36.97
C VAL D 75 28.79 49.70 36.90
N GLY D 76 28.87 50.34 38.06
CA GLY D 76 29.06 51.79 38.11
C GLY D 76 30.51 52.17 37.87
N LEU D 77 30.70 53.32 37.24
CA LEU D 77 32.03 53.84 36.92
C LEU D 77 32.14 55.30 37.33
N ALA D 78 33.28 55.68 37.91
CA ALA D 78 33.55 57.08 38.21
C ALA D 78 35.01 57.37 37.96
N PHE D 79 35.32 58.66 37.76
CA PHE D 79 36.66 59.12 37.47
C PHE D 79 37.12 60.10 38.54
N ARG D 80 38.44 60.28 38.67
CA ARG D 80 38.96 61.44 39.36
C ARG D 80 38.73 62.72 38.54
N ALA D 81 38.50 63.80 39.25
CA ALA D 81 38.62 65.16 38.72
C ALA D 81 39.39 65.98 39.74
N ASP D 82 40.28 66.84 39.24
CA ASP D 82 41.28 67.54 40.06
C ASP D 82 41.98 66.57 41.01
N ASP D 83 42.22 65.35 40.52
CA ASP D 83 42.82 64.26 41.29
C ASP D 83 41.91 63.82 42.44
N THR D 84 40.62 64.13 42.38
CA THR D 84 39.66 63.66 43.37
C THR D 84 38.51 62.96 42.65
N PHE D 85 38.06 61.85 43.20
CA PHE D 85 37.01 61.08 42.56
C PHE D 85 35.67 61.80 42.68
N GLU D 86 34.94 61.83 41.58
CA GLU D 86 33.55 62.26 41.60
C GLU D 86 32.70 61.26 42.36
N ALA D 87 31.56 61.74 42.87
CA ALA D 87 30.54 60.85 43.37
C ALA D 87 29.90 60.08 42.22
N LEU D 88 29.56 58.82 42.48
CA LEU D 88 28.93 57.99 41.46
C LEU D 88 27.59 58.58 41.08
N CYS D 89 27.40 58.83 39.79
CA CYS D 89 26.14 59.37 39.28
C CYS D 89 25.76 58.64 38.00
N ILE D 90 24.48 58.25 37.91
CA ILE D 90 23.99 57.47 36.80
C ILE D 90 22.55 57.89 36.52
N GLU D 91 22.29 58.41 35.33
CA GLU D 91 20.93 58.79 34.97
C GLU D 91 20.11 57.55 34.65
N PRO D 92 18.94 57.37 35.26
CA PRO D 92 18.05 56.29 34.83
C PRO D 92 17.63 56.45 33.38
N PHE D 93 17.52 55.33 32.67
CA PHE D 93 16.88 55.33 31.37
C PHE D 93 15.45 55.81 31.52
N SER D 94 15.03 56.71 30.64
CA SER D 94 13.72 57.34 30.79
C SER D 94 12.63 56.28 30.89
N SER D 95 11.75 56.46 31.87
CA SER D 95 10.77 55.43 32.19
C SER D 95 9.83 55.22 31.01
N PRO D 96 9.39 53.98 30.77
CA PRO D 96 8.55 53.72 29.60
C PRO D 96 7.21 54.44 29.71
N PRO D 97 6.60 54.78 28.58
CA PRO D 97 5.29 55.46 28.63
C PRO D 97 4.20 54.53 29.13
N GLU D 98 3.03 55.14 29.35
CA GLU D 98 1.89 54.39 29.86
C GLU D 98 1.51 53.26 28.92
N LEU D 99 1.29 52.08 29.48
CA LEU D 99 0.85 50.92 28.71
C LEU D 99 -0.56 51.12 28.21
N PRO D 100 -0.82 51.03 26.90
CA PRO D 100 -2.18 51.27 26.40
C PRO D 100 -3.22 50.35 27.02
N ASP D 101 -4.42 50.90 27.22
CA ASP D 101 -5.47 50.16 27.92
C ASP D 101 -5.81 48.85 27.21
N VAL D 102 -5.80 48.86 25.87
CA VAL D 102 -6.09 47.64 25.13
C VAL D 102 -5.07 46.55 25.44
N MET D 103 -3.86 46.94 25.80
CA MET D 103 -2.83 46.00 26.20
C MET D 103 -2.82 45.72 27.69
N LYS D 104 -3.62 46.41 28.48
CA LYS D 104 -3.56 46.25 29.93
C LYS D 104 -3.90 44.81 30.31
N PRO D 105 -3.33 44.30 31.40
CA PRO D 105 -3.63 42.93 31.82
C PRO D 105 -5.13 42.73 32.00
N GLN D 106 -5.56 41.50 31.77
CA GLN D 106 -6.97 41.15 31.92
C GLN D 106 -7.41 41.27 33.37
#